data_8YXV
#
_entry.id   8YXV
#
_cell.length_a   193.782
_cell.length_b   63.402
_cell.length_c   149.556
_cell.angle_alpha   90.000
_cell.angle_beta   128.800
_cell.angle_gamma   90.000
#
_symmetry.space_group_name_H-M   'C 1 2 1'
#
loop_
_entity.id
_entity.type
_entity.pdbx_description
1 polymer Antitoxin
2 polymer 'Putative mRNA interferase YoeB'
3 water water
#
loop_
_entity_poly.entity_id
_entity_poly.type
_entity_poly.pdbx_seq_one_letter_code
_entity_poly.pdbx_strand_id
1 'polypeptide(L)' HMEAVLYSTFRNHLKDYMKKVNDEFEPLTVVNKNPDEDIVVLSKSEWDSIQETLRIAQNKELSDKVLRGMAQVRA B,D,A,C,G,I,H,J
2 'polypeptide(L)'
;MLLKFTEDAWADYCYWQNQDKKTLKRINKLIKDIQRDPFTGIGKPEPLKYDYQGAWSRRIDAENRLIYMMDGDSVAFLSF
KDHY
;
F,E,K,L
#
# COMPACT_ATOMS: atom_id res chain seq x y z
N HIS A 1 -19.46 41.30 4.93
CA HIS A 1 -19.89 42.36 4.02
C HIS A 1 -21.18 41.97 3.29
N MET A 2 -21.55 40.70 3.41
CA MET A 2 -22.67 40.16 2.66
C MET A 2 -24.00 40.56 3.32
N GLU A 3 -24.98 40.89 2.48
CA GLU A 3 -26.30 41.26 2.96
C GLU A 3 -26.93 40.11 3.74
N ALA A 4 -27.15 40.33 5.04
CA ALA A 4 -27.75 39.34 5.91
C ALA A 4 -29.24 39.61 6.09
N VAL A 5 -30.04 38.53 6.07
CA VAL A 5 -31.48 38.62 6.26
C VAL A 5 -31.92 37.54 7.24
N LEU A 6 -33.12 37.71 7.77
CA LEU A 6 -33.71 36.77 8.72
C LEU A 6 -34.42 35.66 7.97
N TYR A 7 -34.39 34.44 8.54
CA TYR A 7 -35.05 33.31 7.92
C TYR A 7 -36.54 33.58 7.69
N SER A 8 -37.16 34.33 8.61
CA SER A 8 -38.57 34.69 8.46
C SER A 8 -38.78 35.54 7.22
N THR A 9 -38.11 36.70 7.17
CA THR A 9 -38.19 37.55 5.98
C THR A 9 -37.80 36.78 4.72
N PHE A 10 -36.94 35.77 4.87
CA PHE A 10 -36.56 34.94 3.72
C PHE A 10 -37.70 34.06 3.25
N ARG A 11 -38.31 33.29 4.17
CA ARG A 11 -39.41 32.40 3.78
C ARG A 11 -40.62 33.18 3.30
N ASN A 12 -40.84 34.37 3.86
CA ASN A 12 -41.95 35.23 3.42
C ASN A 12 -41.76 35.61 1.95
N HIS A 13 -40.75 36.44 1.68
CA HIS A 13 -40.45 36.85 0.31
C HIS A 13 -39.47 35.88 -0.35
N LEU A 14 -39.87 34.61 -0.38
CA LEU A 14 -39.00 33.56 -0.92
C LEU A 14 -38.72 33.81 -2.40
N LYS A 15 -39.73 33.67 -3.25
CA LYS A 15 -39.54 33.80 -4.68
C LYS A 15 -39.00 35.19 -5.06
N ASP A 16 -39.28 36.20 -4.24
CA ASP A 16 -38.76 37.54 -4.54
C ASP A 16 -37.27 37.63 -4.24
N TYR A 17 -36.81 36.98 -3.17
CA TYR A 17 -35.38 36.99 -2.85
C TYR A 17 -34.59 36.16 -3.85
N MET A 18 -35.20 35.14 -4.46
CA MET A 18 -34.53 34.40 -5.52
C MET A 18 -34.30 35.28 -6.75
N LYS A 19 -35.27 36.16 -7.04
CA LYS A 19 -35.09 37.11 -8.13
C LYS A 19 -34.10 38.21 -7.77
N LYS A 20 -33.80 38.39 -6.49
CA LYS A 20 -32.89 39.46 -6.09
C LYS A 20 -31.44 39.06 -6.30
N VAL A 21 -31.04 37.85 -5.90
CA VAL A 21 -29.65 37.43 -6.03
C VAL A 21 -29.27 37.22 -7.50
N ASN A 22 -30.24 37.00 -8.38
CA ASN A 22 -29.95 36.91 -9.81
C ASN A 22 -29.81 38.29 -10.44
N ASP A 23 -30.72 39.21 -10.09
CA ASP A 23 -30.64 40.56 -10.62
C ASP A 23 -29.45 41.32 -10.05
N GLU A 24 -29.29 41.28 -8.72
CA GLU A 24 -28.17 41.97 -8.10
C GLU A 24 -26.84 41.28 -8.34
N PHE A 25 -26.84 40.01 -8.71
CA PHE A 25 -25.63 39.22 -8.89
C PHE A 25 -24.75 39.30 -7.64
N GLU A 26 -25.38 39.15 -6.48
CA GLU A 26 -24.70 39.31 -5.20
C GLU A 26 -25.08 38.18 -4.25
N PRO A 27 -24.13 37.66 -3.48
CA PRO A 27 -24.46 36.63 -2.49
C PRO A 27 -25.23 37.23 -1.32
N LEU A 28 -25.86 36.33 -0.56
CA LEU A 28 -26.79 36.74 0.49
C LEU A 28 -26.84 35.65 1.55
N THR A 29 -26.47 35.97 2.79
CA THR A 29 -26.63 35.03 3.88
C THR A 29 -27.96 35.27 4.58
N VAL A 30 -28.70 34.19 4.82
CA VAL A 30 -29.84 34.23 5.72
C VAL A 30 -29.35 33.76 7.08
N VAL A 31 -29.50 34.61 8.09
CA VAL A 31 -28.93 34.34 9.40
C VAL A 31 -30.01 33.77 10.31
N ASN A 32 -29.59 33.02 11.31
CA ASN A 32 -30.48 32.41 12.28
C ASN A 32 -29.94 32.68 13.68
N LYS A 33 -30.53 32.02 14.68
CA LYS A 33 -30.06 32.15 16.05
C LYS A 33 -28.70 31.48 16.21
N ASN A 34 -28.55 30.28 15.65
CA ASN A 34 -27.28 29.56 15.72
C ASN A 34 -26.33 30.15 14.69
N PRO A 35 -25.17 30.69 15.11
CA PRO A 35 -24.23 31.27 14.14
C PRO A 35 -23.71 30.28 13.11
N ASP A 36 -23.85 28.98 13.35
CA ASP A 36 -23.52 27.99 12.34
C ASP A 36 -24.72 27.65 11.46
N GLU A 37 -25.93 27.71 12.02
CA GLU A 37 -27.14 27.44 11.25
C GLU A 37 -27.30 28.36 10.05
N ASP A 38 -26.61 29.51 10.04
CA ASP A 38 -26.77 30.44 8.91
C ASP A 38 -26.16 29.87 7.64
N ILE A 39 -26.78 30.22 6.50
CA ILE A 39 -26.42 29.68 5.20
C ILE A 39 -26.34 30.82 4.19
N VAL A 40 -25.68 30.53 3.06
CA VAL A 40 -25.52 31.49 1.97
C VAL A 40 -26.41 31.06 0.80
N VAL A 41 -27.20 32.00 0.30
CA VAL A 41 -28.02 31.81 -0.90
C VAL A 41 -27.42 32.65 -2.02
N LEU A 42 -27.25 32.04 -3.18
CA LEU A 42 -26.56 32.65 -4.31
C LEU A 42 -27.24 32.25 -5.61
N SER A 43 -27.05 33.07 -6.64
CA SER A 43 -27.58 32.75 -7.96
C SER A 43 -26.74 31.65 -8.61
N LYS A 44 -27.43 30.75 -9.31
CA LYS A 44 -26.73 29.67 -10.01
C LYS A 44 -25.73 30.21 -11.02
N SER A 45 -26.03 31.36 -11.62
CA SER A 45 -25.08 31.98 -12.57
C SER A 45 -23.76 32.31 -11.89
N GLU A 46 -23.81 33.06 -10.80
CA GLU A 46 -22.59 33.39 -10.07
C GLU A 46 -21.89 32.12 -9.59
N TRP A 47 -22.66 31.12 -9.18
CA TRP A 47 -22.08 29.87 -8.70
C TRP A 47 -21.24 29.21 -9.80
N ASP A 48 -21.80 29.12 -11.02
CA ASP A 48 -21.06 28.55 -12.13
C ASP A 48 -19.79 29.37 -12.42
N SER A 49 -19.88 30.69 -12.26
CA SER A 49 -18.70 31.52 -12.47
C SER A 49 -17.65 31.27 -11.38
N ILE A 50 -18.09 31.13 -10.13
CA ILE A 50 -17.16 30.85 -9.03
C ILE A 50 -16.53 29.47 -9.21
N GLN A 51 -17.33 28.48 -9.60
CA GLN A 51 -16.81 27.12 -9.73
C GLN A 51 -15.79 27.02 -10.86
N GLU A 52 -16.11 27.60 -12.01
CA GLU A 52 -15.17 27.58 -13.13
C GLU A 52 -13.89 28.34 -12.79
N THR A 53 -14.02 29.48 -12.11
CA THR A 53 -12.83 30.19 -11.64
C THR A 53 -12.04 29.33 -10.65
N LEU A 54 -12.75 28.60 -9.79
CA LEU A 54 -12.10 27.78 -8.78
C LEU A 54 -11.31 26.65 -9.41
N ARG A 55 -11.88 25.99 -10.43
CA ARG A 55 -11.18 24.88 -11.08
C ARG A 55 -9.89 25.34 -11.74
N ILE A 56 -9.88 26.58 -12.28
CA ILE A 56 -8.62 27.12 -12.80
C ILE A 56 -7.68 27.45 -11.65
N ALA A 57 -8.20 28.05 -10.57
CA ALA A 57 -7.37 28.45 -9.44
C ALA A 57 -6.74 27.27 -8.72
N GLN A 58 -7.44 26.14 -8.66
CA GLN A 58 -6.89 24.96 -7.99
C GLN A 58 -5.74 24.33 -8.79
N ASN A 59 -5.63 24.62 -10.07
CA ASN A 59 -4.59 24.05 -10.93
C ASN A 59 -3.58 25.17 -11.15
N LYS A 60 -2.44 25.08 -10.44
CA LYS A 60 -1.44 26.13 -10.51
C LYS A 60 -0.81 26.21 -11.89
N GLU A 61 -0.60 25.07 -12.54
CA GLU A 61 0.01 25.06 -13.87
C GLU A 61 -0.87 25.81 -14.86
N LEU A 62 -2.18 25.54 -14.85
CA LEU A 62 -3.09 26.21 -15.76
C LEU A 62 -3.38 27.63 -15.34
N SER A 63 -3.44 27.91 -14.03
CA SER A 63 -3.54 29.28 -13.56
C SER A 63 -2.34 30.10 -14.02
N ASP A 64 -1.13 29.52 -13.88
CA ASP A 64 0.07 30.20 -14.37
C ASP A 64 -0.01 30.41 -15.87
N LYS A 65 -0.53 29.41 -16.61
CA LYS A 65 -0.66 29.54 -18.05
C LYS A 65 -1.67 30.63 -18.41
N VAL A 66 -2.81 30.67 -17.72
CA VAL A 66 -3.85 31.64 -18.06
C VAL A 66 -3.41 33.05 -17.69
N LEU A 67 -2.87 33.22 -16.48
CA LEU A 67 -2.45 34.55 -16.03
C LEU A 67 -1.31 35.09 -16.88
N ARG A 68 -0.35 34.24 -17.26
CA ARG A 68 0.72 34.67 -18.14
C ARG A 68 0.18 35.07 -19.51
N GLY A 69 -0.65 34.21 -20.10
CA GLY A 69 -1.26 34.54 -21.38
C GLY A 69 -2.04 35.84 -21.33
N MET A 70 -2.87 35.99 -20.29
CA MET A 70 -3.66 37.21 -20.14
C MET A 70 -2.78 38.45 -20.09
N ALA A 71 -1.59 38.32 -19.49
CA ALA A 71 -0.65 39.43 -19.47
C ALA A 71 -0.13 39.75 -20.87
N GLN A 72 0.14 38.72 -21.68
CA GLN A 72 0.63 38.96 -23.03
C GLN A 72 -0.43 39.53 -23.93
N VAL A 73 -1.71 39.17 -23.72
CA VAL A 73 -2.78 39.71 -24.55
C VAL A 73 -3.02 41.19 -24.25
N ARG A 74 -2.88 41.60 -22.99
CA ARG A 74 -3.05 43.00 -22.65
C ARG A 74 -1.81 43.82 -23.02
N ALA A 75 -0.63 43.27 -22.78
CA ALA A 75 0.61 43.91 -23.19
C ALA A 75 0.79 43.84 -24.70
N MET B 1 -13.59 39.90 -36.88
CA MET B 1 -13.29 39.13 -35.68
C MET B 1 -11.98 38.38 -35.81
N LEU B 2 -10.87 39.04 -35.45
CA LEU B 2 -9.56 38.41 -35.48
C LEU B 2 -9.47 37.30 -34.43
N LEU B 3 -8.57 36.34 -34.68
CA LEU B 3 -8.33 35.22 -33.79
C LEU B 3 -6.89 35.29 -33.30
N LYS B 4 -6.70 35.68 -32.04
CA LYS B 4 -5.38 35.71 -31.43
C LYS B 4 -5.08 34.39 -30.74
N PHE B 5 -3.81 34.01 -30.76
CA PHE B 5 -3.31 32.87 -30.01
C PHE B 5 -2.08 33.31 -29.24
N THR B 6 -2.03 33.02 -27.95
CA THR B 6 -0.75 33.12 -27.29
C THR B 6 0.10 31.91 -27.68
N GLU B 7 1.39 31.99 -27.38
CA GLU B 7 2.29 30.87 -27.66
C GLU B 7 1.78 29.60 -26.98
N ASP B 8 1.38 29.71 -25.72
CA ASP B 8 0.92 28.54 -24.97
C ASP B 8 -0.37 27.99 -25.53
N ALA B 9 -1.24 28.85 -26.07
CA ALA B 9 -2.49 28.36 -26.65
C ALA B 9 -2.23 27.65 -27.97
N TRP B 10 -1.40 28.25 -28.83
CA TRP B 10 -1.07 27.59 -30.09
C TRP B 10 -0.39 26.25 -29.84
N ALA B 11 0.48 26.18 -28.84
CA ALA B 11 1.07 24.90 -28.48
C ALA B 11 0.01 23.89 -28.09
N ASP B 12 -0.98 24.32 -27.29
CA ASP B 12 -2.11 23.46 -26.95
C ASP B 12 -2.89 23.06 -28.21
N TYR B 13 -3.12 24.01 -29.12
CA TYR B 13 -3.91 23.72 -30.30
C TYR B 13 -3.22 22.70 -31.18
N CYS B 14 -1.90 22.77 -31.28
CA CYS B 14 -1.15 21.85 -32.13
C CYS B 14 -1.00 20.48 -31.48
N TYR B 15 -1.08 20.40 -30.14
CA TYR B 15 -1.07 19.10 -29.47
C TYR B 15 -2.31 18.30 -29.86
N TRP B 16 -3.48 18.94 -29.84
CA TRP B 16 -4.70 18.27 -30.26
C TRP B 16 -4.74 18.04 -31.77
N GLN B 17 -3.94 18.79 -32.53
CA GLN B 17 -3.83 18.53 -33.97
C GLN B 17 -3.19 17.16 -34.21
N ASN B 18 -2.14 16.86 -33.46
CA ASN B 18 -1.45 15.58 -33.63
C ASN B 18 -2.21 14.44 -32.95
N GLN B 19 -2.82 14.70 -31.80
CA GLN B 19 -3.50 13.67 -31.01
C GLN B 19 -4.99 13.95 -30.96
N ASP B 20 -5.79 12.91 -31.21
CA ASP B 20 -7.25 12.98 -31.08
C ASP B 20 -7.88 13.94 -32.08
N LYS B 21 -8.28 13.41 -33.24
CA LYS B 21 -9.01 14.23 -34.21
C LYS B 21 -10.39 14.63 -33.68
N LYS B 22 -10.97 13.80 -32.82
CA LYS B 22 -12.29 14.12 -32.27
C LYS B 22 -12.25 15.37 -31.40
N THR B 23 -11.23 15.47 -30.54
CA THR B 23 -11.10 16.65 -29.72
C THR B 23 -10.80 17.88 -30.57
N LEU B 24 -10.02 17.70 -31.64
CA LEU B 24 -9.74 18.80 -32.57
C LEU B 24 -11.02 19.31 -33.20
N LYS B 25 -11.90 18.40 -33.60
CA LYS B 25 -13.19 18.81 -34.19
C LYS B 25 -14.04 19.54 -33.15
N ARG B 26 -14.03 19.07 -31.91
CA ARG B 26 -14.78 19.75 -30.86
C ARG B 26 -14.28 21.17 -30.66
N ILE B 27 -12.96 21.32 -30.48
CA ILE B 27 -12.35 22.65 -30.36
C ILE B 27 -12.71 23.53 -31.54
N ASN B 28 -12.75 22.95 -32.74
CA ASN B 28 -13.08 23.75 -33.92
C ASN B 28 -14.54 24.18 -33.90
N LYS B 29 -15.44 23.27 -33.52
CA LYS B 29 -16.85 23.63 -33.38
C LYS B 29 -17.02 24.77 -32.38
N LEU B 30 -16.29 24.71 -31.26
CA LEU B 30 -16.35 25.80 -30.29
C LEU B 30 -15.82 27.10 -30.88
N ILE B 31 -14.76 27.04 -31.68
CA ILE B 31 -14.20 28.26 -32.26
C ILE B 31 -15.20 28.88 -33.25
N LYS B 32 -15.86 28.06 -34.07
CA LYS B 32 -16.93 28.57 -34.93
C LYS B 32 -18.01 29.24 -34.11
N ASP B 33 -18.48 28.56 -33.05
CA ASP B 33 -19.55 29.13 -32.22
C ASP B 33 -19.12 30.42 -31.55
N ILE B 34 -17.87 30.47 -31.05
CA ILE B 34 -17.33 31.71 -30.51
C ILE B 34 -17.35 32.80 -31.56
N GLN B 35 -16.95 32.47 -32.79
CA GLN B 35 -16.91 33.47 -33.85
C GLN B 35 -18.30 34.00 -34.17
N ARG B 36 -19.33 33.17 -33.99
CA ARG B 36 -20.70 33.66 -34.15
C ARG B 36 -21.07 34.61 -33.01
N ASP B 37 -20.76 34.23 -31.78
CA ASP B 37 -21.07 35.03 -30.61
C ASP B 37 -20.18 34.58 -29.45
N PRO B 38 -19.22 35.42 -29.02
CA PRO B 38 -18.28 34.98 -27.99
C PRO B 38 -18.89 34.85 -26.60
N PHE B 39 -20.08 35.39 -26.37
CA PHE B 39 -20.65 35.40 -25.02
C PHE B 39 -21.69 34.33 -24.78
N THR B 40 -22.25 33.72 -25.83
CA THR B 40 -23.29 32.72 -25.70
C THR B 40 -22.96 31.52 -26.59
N GLY B 41 -23.80 30.50 -26.52
CA GLY B 41 -23.68 29.35 -27.41
C GLY B 41 -23.30 28.05 -26.74
N ILE B 42 -22.74 27.13 -27.54
CA ILE B 42 -22.45 25.78 -27.05
C ILE B 42 -21.24 25.79 -26.14
N GLY B 43 -21.10 24.72 -25.36
CA GLY B 43 -19.99 24.56 -24.45
C GLY B 43 -20.10 25.33 -23.15
N LYS B 44 -21.30 25.81 -22.79
CA LYS B 44 -21.59 26.49 -21.54
C LYS B 44 -20.58 27.60 -21.25
N PRO B 45 -20.54 28.68 -22.03
CA PRO B 45 -19.61 29.77 -21.73
C PRO B 45 -19.85 30.33 -20.33
N GLU B 46 -18.75 30.54 -19.60
CA GLU B 46 -18.81 31.07 -18.26
C GLU B 46 -17.70 32.11 -18.09
N PRO B 47 -18.02 33.31 -17.65
CA PRO B 47 -16.97 34.28 -17.33
C PRO B 47 -16.28 33.93 -16.02
N LEU B 48 -14.98 34.20 -15.96
CA LEU B 48 -14.18 33.94 -14.78
C LEU B 48 -14.06 35.19 -13.92
N LYS B 49 -13.85 34.98 -12.62
CA LYS B 49 -13.87 36.06 -11.64
C LYS B 49 -12.47 36.33 -11.10
N TYR B 50 -12.39 37.38 -10.29
CA TYR B 50 -11.21 37.72 -9.47
C TYR B 50 -10.00 37.91 -10.37
N ASP B 51 -8.86 37.28 -10.09
CA ASP B 51 -7.63 37.54 -10.83
C ASP B 51 -7.69 37.08 -12.29
N TYR B 52 -8.75 36.37 -12.69
CA TYR B 52 -8.95 35.99 -14.08
C TYR B 52 -10.10 36.74 -14.73
N GLN B 53 -10.48 37.89 -14.17
CA GLN B 53 -11.57 38.65 -14.76
C GLN B 53 -11.18 39.10 -16.17
N GLY B 54 -12.14 39.02 -17.09
CA GLY B 54 -11.89 39.24 -18.49
C GLY B 54 -11.75 37.96 -19.30
N ALA B 55 -11.38 36.86 -18.67
CA ALA B 55 -11.26 35.57 -19.34
C ALA B 55 -12.59 34.83 -19.30
N TRP B 56 -12.76 33.92 -20.25
CA TRP B 56 -13.98 33.14 -20.39
C TRP B 56 -13.61 31.68 -20.60
N SER B 57 -14.59 30.81 -20.36
CA SER B 57 -14.35 29.37 -20.34
C SER B 57 -15.48 28.63 -21.04
N ARG B 58 -15.13 27.70 -21.91
CA ARG B 58 -16.07 26.76 -22.50
C ARG B 58 -15.52 25.35 -22.30
N ARG B 59 -16.40 24.36 -22.44
CA ARG B 59 -16.07 22.98 -22.10
C ARG B 59 -15.77 22.20 -23.36
N ILE B 60 -14.50 21.79 -23.51
CA ILE B 60 -14.13 20.90 -24.59
C ILE B 60 -14.63 19.49 -24.31
N ASP B 61 -14.28 18.97 -23.14
CA ASP B 61 -14.82 17.71 -22.63
C ASP B 61 -14.96 17.86 -21.13
N ALA B 62 -15.07 16.73 -20.41
CA ALA B 62 -15.22 16.81 -18.96
C ALA B 62 -13.94 17.28 -18.27
N GLU B 63 -12.78 17.05 -18.89
CA GLU B 63 -11.50 17.33 -18.26
C GLU B 63 -10.80 18.57 -18.82
N ASN B 64 -11.19 19.06 -19.99
CA ASN B 64 -10.48 20.16 -20.63
C ASN B 64 -11.41 21.33 -20.89
N ARG B 65 -10.83 22.53 -20.84
CA ARG B 65 -11.57 23.77 -21.05
C ARG B 65 -10.83 24.66 -22.03
N LEU B 66 -11.60 25.47 -22.75
CA LEU B 66 -11.10 26.44 -23.72
C LEU B 66 -11.18 27.81 -23.05
N ILE B 67 -10.04 28.34 -22.64
CA ILE B 67 -9.99 29.66 -22.01
C ILE B 67 -9.71 30.71 -23.07
N TYR B 68 -10.57 31.73 -23.12
CA TYR B 68 -10.43 32.77 -24.13
C TYR B 68 -10.89 34.10 -23.55
N MET B 69 -10.57 35.17 -24.26
CA MET B 69 -10.98 36.50 -23.85
C MET B 69 -11.16 37.36 -25.10
N MET B 70 -12.01 38.38 -24.98
CA MET B 70 -12.31 39.29 -26.08
C MET B 70 -11.75 40.66 -25.75
N ASP B 71 -10.86 41.16 -26.61
CA ASP B 71 -10.32 42.51 -26.49
C ASP B 71 -10.63 43.25 -27.79
N GLY B 72 -11.76 43.92 -27.82
CA GLY B 72 -12.15 44.69 -28.99
C GLY B 72 -12.62 43.78 -30.11
N ASP B 73 -12.07 43.99 -31.30
CA ASP B 73 -12.47 43.24 -32.50
C ASP B 73 -11.69 41.94 -32.65
N SER B 74 -11.44 41.21 -31.56
CA SER B 74 -10.67 39.99 -31.65
C SER B 74 -11.00 39.08 -30.49
N VAL B 75 -10.78 37.78 -30.71
CA VAL B 75 -10.85 36.77 -29.66
C VAL B 75 -9.45 36.23 -29.45
N ALA B 76 -9.06 36.07 -28.19
CA ALA B 76 -7.71 35.61 -27.85
C ALA B 76 -7.82 34.35 -27.01
N PHE B 77 -7.27 33.26 -27.51
CA PHE B 77 -7.31 31.98 -26.81
C PHE B 77 -6.14 31.89 -25.83
N LEU B 78 -6.42 31.48 -24.60
CA LEU B 78 -5.36 31.28 -23.62
C LEU B 78 -4.98 29.83 -23.41
N SER B 79 -5.91 28.89 -23.61
CA SER B 79 -5.62 27.51 -23.30
C SER B 79 -6.61 26.59 -24.02
N PHE B 80 -6.13 25.42 -24.41
CA PHE B 80 -6.97 24.37 -24.96
C PHE B 80 -6.79 23.04 -24.25
N LYS B 81 -5.83 22.92 -23.31
CA LYS B 81 -5.61 21.71 -22.54
C LYS B 81 -5.38 22.09 -21.08
N ASP B 82 -6.00 21.33 -20.18
CA ASP B 82 -5.99 21.69 -18.77
C ASP B 82 -4.73 21.22 -18.04
N HIS B 83 -4.22 20.03 -18.37
CA HIS B 83 -2.99 19.56 -17.76
C HIS B 83 -2.21 18.70 -18.75
N TYR B 84 -0.89 18.74 -18.62
CA TYR B 84 -0.01 17.94 -19.47
C TYR B 84 0.60 16.78 -18.71
N HIS C 1 -19.70 17.97 -4.79
CA HIS C 1 -20.81 17.19 -4.27
C HIS C 1 -22.07 18.02 -4.25
N MET C 2 -22.84 17.97 -5.34
CA MET C 2 -23.99 18.85 -5.51
C MET C 2 -25.27 18.05 -5.64
N GLU C 3 -26.30 18.50 -4.93
CA GLU C 3 -27.65 17.96 -5.04
C GLU C 3 -28.55 19.04 -5.67
N ALA C 4 -29.57 18.59 -6.41
CA ALA C 4 -30.48 19.51 -7.07
C ALA C 4 -31.92 19.20 -6.69
N VAL C 5 -32.71 20.25 -6.55
CA VAL C 5 -34.14 20.12 -6.25
C VAL C 5 -34.90 21.15 -7.08
N LEU C 6 -36.12 20.80 -7.44
CA LEU C 6 -37.00 21.75 -8.10
C LEU C 6 -37.58 22.73 -7.07
N TYR C 7 -38.05 23.87 -7.57
CA TYR C 7 -38.50 24.92 -6.67
C TYR C 7 -39.72 24.47 -5.85
N SER C 8 -40.68 23.80 -6.51
CA SER C 8 -41.90 23.40 -5.82
C SER C 8 -41.60 22.49 -4.63
N THR C 9 -40.71 21.51 -4.83
CA THR C 9 -40.32 20.64 -3.73
C THR C 9 -39.55 21.42 -2.67
N PHE C 10 -38.71 22.37 -3.10
CA PHE C 10 -37.91 23.15 -2.16
C PHE C 10 -38.78 24.07 -1.31
N ARG C 11 -39.88 24.57 -1.86
CA ARG C 11 -40.73 25.50 -1.12
C ARG C 11 -41.60 24.76 -0.10
N ASN C 12 -42.11 23.58 -0.46
CA ASN C 12 -42.93 22.81 0.47
C ASN C 12 -42.11 22.31 1.66
N HIS C 13 -40.85 21.95 1.43
CA HIS C 13 -39.99 21.46 2.50
C HIS C 13 -38.85 22.44 2.75
N LEU C 14 -39.20 23.72 2.95
CA LEU C 14 -38.18 24.76 3.09
C LEU C 14 -37.34 24.56 4.35
N LYS C 15 -38.00 24.38 5.50
CA LYS C 15 -37.26 24.30 6.76
C LYS C 15 -36.41 23.03 6.84
N ASP C 16 -36.92 21.92 6.31
CA ASP C 16 -36.15 20.68 6.35
C ASP C 16 -34.88 20.78 5.50
N TYR C 17 -34.95 21.51 4.38
CA TYR C 17 -33.78 21.65 3.52
C TYR C 17 -32.75 22.62 4.12
N MET C 18 -33.22 23.65 4.83
CA MET C 18 -32.30 24.60 5.45
C MET C 18 -31.46 23.94 6.54
N LYS C 19 -32.07 23.04 7.31
CA LYS C 19 -31.31 22.30 8.32
C LYS C 19 -30.31 21.36 7.67
N LYS C 20 -30.75 20.59 6.68
CA LYS C 20 -29.90 19.60 6.03
C LYS C 20 -28.74 20.25 5.27
N VAL C 21 -28.86 21.53 4.89
CA VAL C 21 -27.79 22.20 4.18
C VAL C 21 -26.53 22.25 5.03
N ASN C 22 -26.69 22.40 6.35
CA ASN C 22 -25.54 22.57 7.21
C ASN C 22 -25.16 21.30 7.97
N ASP C 23 -25.90 20.21 7.78
CA ASP C 23 -25.53 18.92 8.34
C ASP C 23 -24.86 18.02 7.32
N GLU C 24 -25.37 17.99 6.08
CA GLU C 24 -24.80 17.16 5.03
C GLU C 24 -23.75 17.89 4.20
N PHE C 25 -23.57 19.19 4.42
CA PHE C 25 -22.59 20.01 3.71
C PHE C 25 -22.61 19.75 2.20
N GLU C 26 -23.80 19.80 1.64
CA GLU C 26 -24.01 19.56 0.22
C GLU C 26 -24.83 20.70 -0.38
N PRO C 27 -24.22 21.55 -1.21
CA PRO C 27 -24.98 22.65 -1.83
C PRO C 27 -26.18 22.13 -2.63
N LEU C 28 -27.20 22.98 -2.74
CA LEU C 28 -28.45 22.64 -3.40
C LEU C 28 -28.78 23.69 -4.45
N THR C 29 -28.93 23.25 -5.69
CA THR C 29 -29.48 24.10 -6.75
C THR C 29 -31.00 23.98 -6.77
N VAL C 30 -31.68 25.11 -6.78
CA VAL C 30 -33.13 25.15 -6.82
C VAL C 30 -33.52 25.46 -8.26
N VAL C 31 -33.84 24.41 -9.02
CA VAL C 31 -34.18 24.55 -10.43
C VAL C 31 -35.61 25.08 -10.56
N ASN C 32 -35.77 26.13 -11.36
CA ASN C 32 -37.07 26.72 -11.65
C ASN C 32 -37.40 26.52 -13.12
N LYS C 33 -38.64 26.91 -13.49
CA LYS C 33 -38.98 27.01 -14.90
C LYS C 33 -38.29 28.21 -15.53
N ASN C 34 -38.25 29.32 -14.81
CA ASN C 34 -37.46 30.48 -15.22
C ASN C 34 -36.04 30.31 -14.69
N PRO C 35 -35.05 30.05 -15.54
CA PRO C 35 -33.69 29.85 -15.02
C PRO C 35 -33.10 31.09 -14.37
N ASP C 36 -33.67 32.27 -14.61
CA ASP C 36 -33.22 33.48 -13.93
C ASP C 36 -33.74 33.58 -12.51
N GLU C 37 -34.44 32.56 -12.03
CA GLU C 37 -34.77 32.42 -10.63
C GLU C 37 -33.99 31.30 -9.96
N ASP C 38 -33.07 30.67 -10.70
CA ASP C 38 -32.30 29.56 -10.16
C ASP C 38 -31.32 30.07 -9.10
N ILE C 39 -31.26 29.37 -7.97
CA ILE C 39 -30.36 29.74 -6.89
C ILE C 39 -29.60 28.50 -6.43
N VAL C 40 -28.44 28.74 -5.84
CA VAL C 40 -27.67 27.70 -5.17
C VAL C 40 -27.68 28.01 -3.67
N VAL C 41 -27.92 26.98 -2.87
CA VAL C 41 -28.02 27.09 -1.41
C VAL C 41 -26.92 26.23 -0.81
N LEU C 42 -26.04 26.85 -0.02
CA LEU C 42 -24.95 26.14 0.63
C LEU C 42 -24.73 26.71 2.03
N SER C 43 -24.07 25.91 2.87
CA SER C 43 -23.71 26.36 4.20
C SER C 43 -22.68 27.48 4.13
N LYS C 44 -22.71 28.37 5.12
CA LYS C 44 -21.69 29.41 5.21
C LYS C 44 -20.31 28.78 5.44
N SER C 45 -20.27 27.65 6.15
CA SER C 45 -19.02 26.91 6.31
C SER C 45 -18.36 26.65 4.97
N GLU C 46 -19.12 26.18 3.99
CA GLU C 46 -18.56 25.87 2.69
C GLU C 46 -18.18 27.13 1.92
N TRP C 47 -18.91 28.23 2.11
CA TRP C 47 -18.59 29.47 1.42
C TRP C 47 -17.23 30.01 1.87
N ASP C 48 -16.99 30.05 3.17
CA ASP C 48 -15.72 30.55 3.68
C ASP C 48 -14.54 29.72 3.21
N SER C 49 -14.75 28.41 3.00
CA SER C 49 -13.67 27.59 2.45
C SER C 49 -13.42 27.92 0.99
N ILE C 50 -14.50 28.08 0.20
CA ILE C 50 -14.34 28.45 -1.20
C ILE C 50 -13.60 29.77 -1.32
N GLN C 51 -13.98 30.74 -0.48
CA GLN C 51 -13.32 32.03 -0.50
C GLN C 51 -11.89 31.94 0.04
N GLU C 52 -11.64 30.99 0.94
CA GLU C 52 -10.27 30.79 1.41
C GLU C 52 -9.38 30.26 0.29
N THR C 53 -9.91 29.37 -0.55
CA THR C 53 -9.14 28.82 -1.65
C THR C 53 -8.84 29.90 -2.70
N LEU C 54 -9.87 30.67 -3.07
CA LEU C 54 -9.68 31.79 -3.98
C LEU C 54 -8.69 32.80 -3.42
N ARG C 55 -8.66 32.96 -2.10
CA ARG C 55 -7.68 33.83 -1.47
C ARG C 55 -6.27 33.26 -1.61
N ILE C 56 -6.14 31.93 -1.53
CA ILE C 56 -4.84 31.29 -1.65
C ILE C 56 -4.31 31.43 -3.08
N ALA C 57 -5.21 31.43 -4.08
CA ALA C 57 -4.78 31.70 -5.44
C ALA C 57 -4.25 33.12 -5.60
N GLN C 58 -4.84 34.08 -4.88
CA GLN C 58 -4.39 35.47 -4.81
C GLN C 58 -3.97 36.06 -6.16
N HIS D 1 -18.44 -4.82 -18.87
CA HIS D 1 -19.12 -3.93 -19.80
C HIS D 1 -20.34 -3.28 -19.16
N MET D 2 -21.28 -2.85 -19.99
CA MET D 2 -22.48 -2.18 -19.54
C MET D 2 -23.65 -2.60 -20.42
N GLU D 3 -24.84 -2.67 -19.82
CA GLU D 3 -26.04 -2.89 -20.60
C GLU D 3 -26.31 -1.68 -21.49
N ALA D 4 -26.53 -1.94 -22.78
CA ALA D 4 -26.85 -0.90 -23.74
C ALA D 4 -28.33 -0.98 -24.09
N VAL D 5 -29.02 0.14 -23.96
CA VAL D 5 -30.45 0.24 -24.25
C VAL D 5 -30.63 1.17 -25.45
N LEU D 6 -31.45 0.72 -26.41
CA LEU D 6 -31.79 1.56 -27.54
C LEU D 6 -32.52 2.82 -27.07
N TYR D 7 -32.37 3.89 -27.86
CA TYR D 7 -32.90 5.19 -27.48
C TYR D 7 -34.42 5.14 -27.33
N SER D 8 -35.11 4.51 -28.29
CA SER D 8 -36.56 4.51 -28.24
C SER D 8 -37.10 3.56 -27.18
N THR D 9 -36.43 2.43 -26.96
CA THR D 9 -36.83 1.55 -25.86
C THR D 9 -36.71 2.27 -24.53
N PHE D 10 -35.59 2.97 -24.31
CA PHE D 10 -35.42 3.72 -23.07
C PHE D 10 -36.49 4.80 -22.93
N ARG D 11 -36.77 5.53 -24.01
CA ARG D 11 -37.74 6.62 -23.94
C ARG D 11 -39.13 6.10 -23.61
N ASN D 12 -39.57 5.03 -24.27
CA ASN D 12 -40.92 4.51 -24.06
C ASN D 12 -41.09 3.99 -22.64
N HIS D 13 -40.08 3.28 -22.12
CA HIS D 13 -40.16 2.62 -20.82
C HIS D 13 -39.28 3.30 -19.77
N LEU D 14 -39.20 4.62 -19.84
CA LEU D 14 -38.33 5.37 -18.94
C LEU D 14 -38.65 5.08 -17.48
N LYS D 15 -39.94 5.06 -17.12
CA LYS D 15 -40.32 4.78 -15.74
C LYS D 15 -39.83 3.42 -15.29
N ASP D 16 -39.90 2.42 -16.18
CA ASP D 16 -39.40 1.10 -15.85
C ASP D 16 -37.89 1.11 -15.64
N TYR D 17 -37.15 1.81 -16.50
CA TYR D 17 -35.70 1.83 -16.39
C TYR D 17 -35.24 2.67 -15.19
N MET D 18 -36.05 3.64 -14.75
CA MET D 18 -35.75 4.32 -13.50
C MET D 18 -35.84 3.38 -12.30
N LYS D 19 -36.65 2.32 -12.43
CA LYS D 19 -36.72 1.31 -11.37
C LYS D 19 -35.57 0.32 -11.47
N LYS D 20 -35.18 -0.06 -12.68
CA LYS D 20 -34.15 -1.06 -12.85
C LYS D 20 -32.80 -0.57 -12.32
N VAL D 21 -32.47 0.70 -12.56
CA VAL D 21 -31.17 1.19 -12.12
C VAL D 21 -31.11 1.27 -10.60
N ASN D 22 -32.25 1.42 -9.94
CA ASN D 22 -32.27 1.55 -8.48
C ASN D 22 -32.38 0.22 -7.76
N ASP D 23 -32.80 -0.84 -8.45
CA ASP D 23 -32.87 -2.18 -7.87
C ASP D 23 -31.68 -3.05 -8.22
N GLU D 24 -31.15 -2.94 -9.43
CA GLU D 24 -29.94 -3.66 -9.81
C GLU D 24 -28.67 -2.95 -9.40
N PHE D 25 -28.76 -1.67 -8.98
CA PHE D 25 -27.60 -0.86 -8.60
C PHE D 25 -26.55 -0.84 -9.72
N GLU D 26 -26.99 -0.89 -10.97
CA GLU D 26 -26.05 -1.04 -12.07
C GLU D 26 -26.26 0.06 -13.10
N PRO D 27 -25.17 0.59 -13.67
CA PRO D 27 -25.29 1.63 -14.69
C PRO D 27 -25.75 1.07 -16.03
N LEU D 28 -26.60 1.83 -16.71
CA LEU D 28 -27.02 1.56 -18.07
C LEU D 28 -26.56 2.67 -18.99
N THR D 29 -26.25 2.32 -20.23
CA THR D 29 -25.93 3.30 -21.25
C THR D 29 -27.04 3.32 -22.29
N VAL D 30 -27.49 4.51 -22.65
CA VAL D 30 -28.54 4.71 -23.64
C VAL D 30 -27.90 5.22 -24.91
N VAL D 31 -28.24 4.60 -26.03
CA VAL D 31 -27.56 4.84 -27.31
C VAL D 31 -28.58 5.20 -28.37
N ASN D 32 -28.26 6.22 -29.16
CA ASN D 32 -29.01 6.52 -30.38
C ASN D 32 -28.09 6.34 -31.60
N LYS D 33 -28.50 6.88 -32.74
CA LYS D 33 -27.72 6.69 -33.97
C LYS D 33 -26.39 7.43 -33.90
N ASN D 34 -26.36 8.60 -33.27
CA ASN D 34 -25.15 9.42 -33.18
C ASN D 34 -24.40 9.09 -31.89
N PRO D 35 -23.30 8.34 -31.97
CA PRO D 35 -22.61 7.91 -30.74
C PRO D 35 -22.03 9.06 -29.93
N ASP D 36 -22.00 10.28 -30.48
CA ASP D 36 -21.63 11.44 -29.69
C ASP D 36 -22.70 11.84 -28.69
N GLU D 37 -23.90 11.25 -28.79
CA GLU D 37 -24.99 11.57 -27.88
C GLU D 37 -25.22 10.48 -26.84
N ASP D 38 -24.29 9.55 -26.68
CA ASP D 38 -24.46 8.45 -25.74
C ASP D 38 -24.46 8.96 -24.30
N ILE D 39 -25.40 8.44 -23.50
CA ILE D 39 -25.48 8.83 -22.10
C ILE D 39 -25.43 7.59 -21.23
N VAL D 40 -24.94 7.79 -20.00
CA VAL D 40 -24.95 6.75 -18.97
C VAL D 40 -26.02 7.12 -17.95
N VAL D 41 -26.91 6.17 -17.65
CA VAL D 41 -28.00 6.37 -16.71
C VAL D 41 -27.69 5.60 -15.43
N LEU D 42 -27.63 6.32 -14.32
CA LEU D 42 -27.20 5.80 -13.03
C LEU D 42 -28.30 5.96 -11.99
N SER D 43 -28.24 5.13 -10.96
CA SER D 43 -29.03 5.36 -9.76
C SER D 43 -28.50 6.57 -9.02
N LYS D 44 -29.41 7.39 -8.49
CA LYS D 44 -28.98 8.55 -7.72
C LYS D 44 -28.24 8.13 -6.45
N SER D 45 -28.58 6.98 -5.88
CA SER D 45 -27.84 6.47 -4.72
C SER D 45 -26.41 6.12 -5.11
N GLU D 46 -26.26 5.30 -6.16
CA GLU D 46 -24.93 4.95 -6.64
C GLU D 46 -24.11 6.18 -6.98
N TRP D 47 -24.75 7.22 -7.53
CA TRP D 47 -24.02 8.41 -7.95
C TRP D 47 -23.38 9.11 -6.74
N ASP D 48 -24.12 9.21 -5.63
CA ASP D 48 -23.55 9.84 -4.44
C ASP D 48 -22.40 9.00 -3.88
N SER D 49 -22.53 7.68 -3.93
CA SER D 49 -21.44 6.83 -3.45
C SER D 49 -20.24 6.90 -4.38
N ILE D 50 -20.47 6.98 -5.69
CA ILE D 50 -19.37 7.10 -6.63
C ILE D 50 -18.64 8.43 -6.45
N GLN D 51 -19.39 9.50 -6.21
CA GLN D 51 -18.76 10.80 -5.94
C GLN D 51 -17.91 10.75 -4.69
N GLU D 52 -18.39 10.07 -3.65
CA GLU D 52 -17.61 9.96 -2.41
C GLU D 52 -16.34 9.16 -2.64
N THR D 53 -16.45 8.00 -3.29
CA THR D 53 -15.27 7.24 -3.65
C THR D 53 -14.32 8.06 -4.51
N LEU D 54 -14.86 8.80 -5.49
CA LEU D 54 -14.02 9.58 -6.39
C LEU D 54 -13.30 10.71 -5.66
N ARG D 55 -13.94 11.29 -4.63
CA ARG D 55 -13.28 12.32 -3.85
C ARG D 55 -12.05 11.76 -3.12
N ILE D 56 -12.10 10.49 -2.72
CA ILE D 56 -10.95 9.89 -2.06
C ILE D 56 -9.85 9.61 -3.06
N ALA D 57 -10.22 9.00 -4.20
CA ALA D 57 -9.22 8.63 -5.20
C ALA D 57 -8.47 9.82 -5.77
N GLN D 58 -9.00 11.04 -5.58
CA GLN D 58 -8.30 12.23 -6.04
C GLN D 58 -7.31 12.77 -5.03
N ASN D 59 -7.42 12.34 -3.77
CA ASN D 59 -6.49 12.74 -2.72
C ASN D 59 -5.53 11.58 -2.52
N LYS D 60 -4.37 11.66 -3.18
CA LYS D 60 -3.36 10.61 -3.08
C LYS D 60 -2.98 10.33 -1.63
N GLU D 61 -2.86 11.39 -0.83
CA GLU D 61 -2.53 11.22 0.59
C GLU D 61 -3.68 10.56 1.35
N LEU D 62 -4.90 11.07 1.17
CA LEU D 62 -6.05 10.45 1.82
C LEU D 62 -6.32 9.05 1.28
N SER D 63 -6.04 8.82 0.01
CA SER D 63 -6.21 7.48 -0.56
C SER D 63 -5.30 6.48 0.14
N ASP D 64 -4.05 6.85 0.41
CA ASP D 64 -3.12 5.94 1.07
C ASP D 64 -3.54 5.68 2.51
N LYS D 65 -3.85 6.74 3.26
CA LYS D 65 -4.22 6.61 4.67
C LYS D 65 -5.41 5.67 4.83
N VAL D 66 -6.45 5.86 4.01
CA VAL D 66 -7.62 4.99 4.08
C VAL D 66 -7.23 3.56 3.73
N LEU D 67 -6.55 3.38 2.59
CA LEU D 67 -6.25 2.03 2.11
C LEU D 67 -5.33 1.28 3.08
N ARG D 68 -4.30 1.95 3.58
CA ARG D 68 -3.44 1.32 4.59
C ARG D 68 -4.24 0.96 5.83
N GLY D 69 -5.22 1.79 6.18
CA GLY D 69 -5.99 1.54 7.39
C GLY D 69 -6.90 0.32 7.29
N MET D 70 -7.55 0.14 6.14
CA MET D 70 -8.42 -1.03 5.97
C MET D 70 -7.63 -2.33 6.13
N ALA D 71 -6.37 -2.34 5.72
CA ALA D 71 -5.55 -3.54 5.87
C ALA D 71 -5.33 -3.87 7.34
N GLN D 72 -4.97 -2.87 8.14
CA GLN D 72 -4.78 -3.09 9.58
C GLN D 72 -6.06 -3.60 10.24
N VAL D 73 -7.21 -3.12 9.80
CA VAL D 73 -8.48 -3.54 10.39
C VAL D 73 -8.85 -4.94 9.93
N ARG D 74 -8.48 -5.33 8.71
CA ARG D 74 -8.81 -6.67 8.22
C ARG D 74 -8.09 -7.75 9.02
N ALA D 75 -6.86 -7.47 9.45
CA ALA D 75 -6.05 -8.43 10.19
C ALA D 75 -6.70 -8.79 11.53
N MET E 1 -21.02 -1.75 21.34
CA MET E 1 -20.35 -1.05 20.26
C MET E 1 -18.90 -0.71 20.62
N LEU E 2 -17.98 -1.62 20.28
CA LEU E 2 -16.57 -1.39 20.50
C LEU E 2 -16.03 -0.38 19.48
N LEU E 3 -15.03 0.38 19.88
CA LEU E 3 -14.51 1.49 19.10
C LEU E 3 -13.03 1.25 18.81
N LYS E 4 -12.66 1.24 17.53
CA LYS E 4 -11.29 1.04 17.10
C LYS E 4 -10.77 2.27 16.36
N PHE E 5 -9.53 2.63 16.63
CA PHE E 5 -8.84 3.70 15.93
C PHE E 5 -7.56 3.14 15.32
N THR E 6 -7.28 3.51 14.07
CA THR E 6 -5.95 3.25 13.55
C THR E 6 -4.98 4.32 14.07
N GLU E 7 -3.69 4.05 13.92
CA GLU E 7 -2.69 5.03 14.35
C GLU E 7 -2.88 6.36 13.63
N ASP E 8 -3.13 6.33 12.32
CA ASP E 8 -3.32 7.56 11.57
C ASP E 8 -4.63 8.25 11.95
N ALA E 9 -5.70 7.48 12.11
CA ALA E 9 -6.98 8.07 12.51
C ALA E 9 -6.88 8.75 13.87
N TRP E 10 -6.16 8.12 14.81
CA TRP E 10 -5.99 8.74 16.13
C TRP E 10 -5.24 10.07 16.03
N ALA E 11 -4.24 10.14 15.16
CA ALA E 11 -3.53 11.40 14.95
C ALA E 11 -4.47 12.47 14.40
N ASP E 12 -5.32 12.09 13.45
CA ASP E 12 -6.36 13.00 12.97
C ASP E 12 -7.23 13.50 14.13
N TYR E 13 -7.74 12.57 14.95
CA TYR E 13 -8.60 12.95 16.06
C TYR E 13 -7.86 13.83 17.05
N CYS E 14 -6.57 13.55 17.29
CA CYS E 14 -5.81 14.38 18.21
C CYS E 14 -5.53 15.76 17.61
N TYR E 15 -5.50 15.87 16.28
CA TYR E 15 -5.32 17.16 15.65
C TYR E 15 -6.51 18.07 15.93
N TRP E 16 -7.73 17.58 15.69
CA TRP E 16 -8.91 18.39 15.92
C TRP E 16 -9.13 18.70 17.38
N GLN E 17 -8.53 17.91 18.29
CA GLN E 17 -8.68 18.15 19.72
C GLN E 17 -7.94 19.42 20.15
N ASN E 18 -6.79 19.70 19.53
CA ASN E 18 -5.99 20.87 19.86
C ASN E 18 -6.24 22.05 18.93
N GLN E 19 -6.89 21.83 17.78
CA GLN E 19 -7.02 22.88 16.77
C GLN E 19 -8.33 23.66 16.94
N ASP E 20 -9.47 23.00 16.72
CA ASP E 20 -10.77 23.65 16.73
C ASP E 20 -11.68 22.92 17.71
N LYS E 21 -12.17 23.65 18.72
CA LYS E 21 -13.15 23.08 19.63
C LYS E 21 -14.42 22.69 18.88
N LYS E 22 -14.80 23.47 17.86
CA LYS E 22 -16.08 23.25 17.18
C LYS E 22 -16.04 22.00 16.31
N THR E 23 -14.92 21.77 15.61
CA THR E 23 -14.78 20.53 14.86
C THR E 23 -14.80 19.32 15.79
N LEU E 24 -14.10 19.42 16.93
CA LEU E 24 -14.08 18.32 17.90
C LEU E 24 -15.49 17.95 18.34
N LYS E 25 -16.36 18.94 18.52
CA LYS E 25 -17.73 18.66 18.95
C LYS E 25 -18.54 18.00 17.84
N ARG E 26 -18.31 18.41 16.58
CA ARG E 26 -19.00 17.78 15.47
C ARG E 26 -18.56 16.33 15.29
N ILE E 27 -17.25 16.09 15.35
CA ILE E 27 -16.72 14.72 15.31
C ILE E 27 -17.34 13.88 16.42
N ASN E 28 -17.43 14.44 17.62
CA ASN E 28 -18.00 13.68 18.74
C ASN E 28 -19.46 13.35 18.49
N LYS E 29 -20.21 14.27 17.88
CA LYS E 29 -21.62 14.00 17.59
C LYS E 29 -21.76 12.92 16.54
N LEU E 30 -20.87 12.91 15.54
CA LEU E 30 -20.90 11.86 14.53
C LEU E 30 -20.61 10.50 15.15
N ILE E 31 -19.56 10.41 15.98
CA ILE E 31 -19.23 9.16 16.65
C ILE E 31 -20.42 8.68 17.47
N LYS E 32 -21.08 9.59 18.18
CA LYS E 32 -22.30 9.24 18.91
C LYS E 32 -23.36 8.67 17.97
N ASP E 33 -23.49 9.25 16.78
CA ASP E 33 -24.52 8.79 15.85
C ASP E 33 -24.13 7.52 15.12
N ILE E 34 -22.83 7.27 14.93
CA ILE E 34 -22.40 6.00 14.37
C ILE E 34 -22.73 4.86 15.32
N GLN E 35 -22.66 5.12 16.62
CA GLN E 35 -22.89 4.07 17.60
C GLN E 35 -24.35 3.61 17.60
N ARG E 36 -25.28 4.54 17.40
CA ARG E 36 -26.69 4.14 17.34
C ARG E 36 -26.99 3.40 16.04
N ASP E 37 -26.37 3.83 14.93
CA ASP E 37 -26.46 3.12 13.66
C ASP E 37 -25.36 3.64 12.73
N PRO E 38 -24.42 2.78 12.35
CA PRO E 38 -23.31 3.24 11.51
C PRO E 38 -23.72 3.58 10.08
N PHE E 39 -24.82 3.02 9.59
CA PHE E 39 -25.16 3.14 8.18
C PHE E 39 -26.15 4.25 7.87
N THR E 40 -26.86 4.78 8.87
CA THR E 40 -27.76 5.90 8.67
C THR E 40 -27.48 6.96 9.73
N GLY E 41 -28.22 8.07 9.66
CA GLY E 41 -28.07 9.15 10.61
C GLY E 41 -27.61 10.44 9.97
N ILE E 42 -27.18 11.39 10.80
CA ILE E 42 -26.75 12.70 10.31
C ILE E 42 -25.37 12.58 9.67
N GLY E 43 -24.95 13.63 8.96
CA GLY E 43 -23.66 13.62 8.31
C GLY E 43 -23.62 12.95 6.96
N LYS E 44 -24.79 12.57 6.40
CA LYS E 44 -24.92 11.91 5.11
C LYS E 44 -24.00 10.69 5.04
N PRO E 45 -24.37 9.58 5.67
CA PRO E 45 -23.54 8.37 5.55
C PRO E 45 -23.52 7.86 4.12
N GLU E 46 -22.34 7.54 3.64
CA GLU E 46 -22.15 7.12 2.25
C GLU E 46 -21.14 5.98 2.17
N PRO E 47 -21.50 4.84 1.58
CA PRO E 47 -20.52 3.77 1.39
C PRO E 47 -19.58 4.05 0.24
N LEU E 48 -18.33 3.63 0.42
CA LEU E 48 -17.32 3.77 -0.61
C LEU E 48 -17.28 2.53 -1.50
N LYS E 49 -16.68 2.67 -2.68
CA LYS E 49 -16.80 1.69 -3.75
C LYS E 49 -15.40 1.32 -4.24
N TYR E 50 -15.33 0.23 -5.00
CA TYR E 50 -14.13 -0.22 -5.72
C TYR E 50 -13.06 -0.57 -4.68
N ASP E 51 -11.86 0.02 -4.76
CA ASP E 51 -10.76 -0.35 -3.86
C ASP E 51 -11.07 0.00 -2.41
N TYR E 52 -12.06 0.85 -2.16
CA TYR E 52 -12.46 1.23 -0.81
C TYR E 52 -13.75 0.55 -0.38
N GLN E 53 -14.17 -0.50 -1.09
CA GLN E 53 -15.38 -1.22 -0.73
C GLN E 53 -15.29 -1.73 0.69
N GLY E 54 -16.31 -1.43 1.49
CA GLY E 54 -16.29 -1.75 2.91
C GLY E 54 -16.21 -0.48 3.75
N ALA E 55 -15.42 0.48 3.30
CA ALA E 55 -15.31 1.75 4.00
C ALA E 55 -16.57 2.58 3.79
N TRP E 56 -16.84 3.47 4.75
CA TRP E 56 -17.98 4.37 4.71
C TRP E 56 -17.50 5.79 5.01
N SER E 57 -18.35 6.76 4.68
CA SER E 57 -17.97 8.16 4.78
C SER E 57 -19.09 8.98 5.40
N ARG E 58 -18.69 9.99 6.18
CA ARG E 58 -19.60 10.99 6.71
C ARG E 58 -18.91 12.34 6.60
N ARG E 59 -19.71 13.40 6.62
CA ARG E 59 -19.20 14.74 6.40
C ARG E 59 -18.95 15.42 7.74
N ILE E 60 -17.69 15.72 8.03
CA ILE E 60 -17.36 16.53 9.18
C ILE E 60 -17.63 18.00 8.89
N ASP E 61 -17.11 18.48 7.77
CA ASP E 61 -17.47 19.78 7.21
C ASP E 61 -17.31 19.69 5.69
N ALA E 62 -17.17 20.85 5.03
CA ALA E 62 -17.07 20.86 3.57
C ALA E 62 -15.77 20.21 3.10
N GLU E 63 -14.71 20.29 3.89
CA GLU E 63 -13.38 19.86 3.47
C GLU E 63 -12.97 18.50 4.02
N ASN E 64 -13.51 18.08 5.16
CA ASN E 64 -13.02 16.90 5.87
C ASN E 64 -14.11 15.85 6.01
N ARG E 65 -13.70 14.58 5.94
CA ARG E 65 -14.63 13.45 6.00
C ARG E 65 -14.27 12.51 7.15
N LEU E 66 -15.32 11.95 7.76
CA LEU E 66 -15.18 10.88 8.75
C LEU E 66 -15.28 9.55 8.00
N ILE E 67 -14.16 8.83 7.91
CA ILE E 67 -14.09 7.58 7.16
C ILE E 67 -13.94 6.43 8.15
N TYR E 68 -14.87 5.48 8.12
CA TYR E 68 -14.91 4.38 9.06
C TYR E 68 -15.26 3.09 8.31
N MET E 69 -15.22 1.97 9.04
CA MET E 69 -15.61 0.68 8.50
C MET E 69 -16.01 -0.23 9.66
N MET E 70 -16.70 -1.31 9.33
CA MET E 70 -17.14 -2.26 10.34
C MET E 70 -16.12 -3.38 10.51
N ASP E 71 -16.13 -3.99 11.70
CA ASP E 71 -15.37 -5.20 12.01
C ASP E 71 -16.24 -6.03 12.96
N GLY E 72 -17.33 -6.57 12.43
CA GLY E 72 -18.30 -7.26 13.24
C GLY E 72 -19.00 -6.31 14.21
N ASP E 73 -18.76 -6.50 15.50
CA ASP E 73 -19.35 -5.68 16.55
C ASP E 73 -18.41 -4.54 16.94
N SER E 74 -17.96 -3.78 15.95
CA SER E 74 -17.02 -2.68 16.19
C SER E 74 -16.98 -1.77 14.98
N VAL E 75 -16.64 -0.51 15.22
CA VAL E 75 -16.46 0.49 14.18
C VAL E 75 -14.99 0.93 14.22
N ALA E 76 -14.32 0.82 13.09
CA ALA E 76 -12.90 1.16 12.97
C ALA E 76 -12.77 2.45 12.18
N PHE E 77 -12.28 3.50 12.85
CA PHE E 77 -12.13 4.80 12.21
C PHE E 77 -10.84 4.84 11.41
N LEU E 78 -10.93 5.40 10.20
CA LEU E 78 -9.79 5.50 9.30
C LEU E 78 -9.23 6.90 9.14
N SER E 79 -10.08 7.93 9.23
CA SER E 79 -9.60 9.29 9.03
C SER E 79 -10.58 10.27 9.65
N PHE E 80 -10.05 11.38 10.14
CA PHE E 80 -10.84 12.50 10.60
C PHE E 80 -10.46 13.80 9.90
N LYS E 81 -9.52 13.75 8.97
CA LYS E 81 -9.02 14.95 8.31
C LYS E 81 -8.57 14.57 6.92
N ASP E 82 -9.10 15.24 5.90
CA ASP E 82 -8.92 14.80 4.52
C ASP E 82 -7.48 15.00 4.05
N HIS E 83 -6.96 16.22 4.20
CA HIS E 83 -5.60 16.51 3.75
C HIS E 83 -4.95 17.48 4.73
N TYR E 84 -3.63 17.36 4.85
CA TYR E 84 -2.87 18.19 5.78
C TYR E 84 -2.15 19.32 5.05
N HIS F 1 -21.85 20.66 -10.22
CA HIS F 1 -23.22 21.17 -10.22
C HIS F 1 -24.21 20.11 -10.69
N MET F 2 -25.49 20.41 -10.56
CA MET F 2 -26.54 19.44 -10.81
C MET F 2 -27.83 20.17 -11.18
N GLU F 3 -28.51 19.68 -12.21
CA GLU F 3 -29.82 20.16 -12.59
C GLU F 3 -30.85 19.07 -12.33
N ALA F 4 -32.10 19.50 -12.16
CA ALA F 4 -33.22 18.60 -11.95
C ALA F 4 -34.21 18.76 -13.08
N VAL F 5 -34.69 17.65 -13.62
CA VAL F 5 -35.62 17.65 -14.73
C VAL F 5 -36.83 16.79 -14.36
N LEU F 6 -38.02 17.31 -14.65
CA LEU F 6 -39.23 16.51 -14.57
C LEU F 6 -39.13 15.32 -15.51
N TYR F 7 -39.50 14.14 -15.02
CA TYR F 7 -39.33 12.93 -15.83
C TYR F 7 -40.18 12.97 -17.08
N SER F 8 -41.33 13.65 -17.05
CA SER F 8 -42.13 13.80 -18.26
C SER F 8 -41.43 14.72 -19.26
N THR F 9 -40.81 15.80 -18.77
CA THR F 9 -40.02 16.67 -19.64
C THR F 9 -38.79 15.95 -20.15
N PHE F 10 -38.17 15.12 -19.32
CA PHE F 10 -37.04 14.32 -19.77
C PHE F 10 -37.45 13.35 -20.86
N ARG F 11 -38.60 12.70 -20.69
CA ARG F 11 -39.06 11.73 -21.68
C ARG F 11 -39.45 12.42 -22.99
N ASN F 12 -40.12 13.57 -22.91
CA ASN F 12 -40.59 14.22 -24.12
C ASN F 12 -39.45 14.84 -24.92
N HIS F 13 -38.39 15.27 -24.26
CA HIS F 13 -37.25 15.90 -24.89
C HIS F 13 -35.97 15.12 -24.64
N LEU F 14 -36.05 13.79 -24.79
CA LEU F 14 -34.91 12.93 -24.51
C LEU F 14 -33.71 13.29 -25.39
N LYS F 15 -33.89 13.25 -26.71
CA LYS F 15 -32.78 13.50 -27.63
C LYS F 15 -32.13 14.87 -27.38
N ASP F 16 -32.92 15.86 -26.99
CA ASP F 16 -32.35 17.16 -26.68
C ASP F 16 -31.50 17.11 -25.41
N TYR F 17 -31.90 16.31 -24.43
CA TYR F 17 -31.14 16.22 -23.19
C TYR F 17 -29.86 15.39 -23.37
N MET F 18 -29.91 14.30 -24.14
CA MET F 18 -28.67 13.60 -24.46
C MET F 18 -27.70 14.49 -25.23
N LYS F 19 -28.22 15.46 -26.00
CA LYS F 19 -27.35 16.45 -26.62
C LYS F 19 -26.80 17.44 -25.61
N LYS F 20 -27.62 17.84 -24.64
CA LYS F 20 -27.20 18.86 -23.67
C LYS F 20 -26.12 18.34 -22.73
N VAL F 21 -26.27 17.12 -22.21
CA VAL F 21 -25.27 16.62 -21.25
C VAL F 21 -23.95 16.35 -21.96
N ASN F 22 -23.99 16.03 -23.26
CA ASN F 22 -22.76 15.79 -24.00
C ASN F 22 -22.15 17.08 -24.54
N ASP F 23 -22.87 18.19 -24.49
CA ASP F 23 -22.33 19.50 -24.85
C ASP F 23 -21.86 20.29 -23.63
N GLU F 24 -22.60 20.22 -22.53
CA GLU F 24 -22.26 21.00 -21.34
C GLU F 24 -21.49 20.19 -20.29
N PHE F 25 -21.51 18.87 -20.38
CA PHE F 25 -20.75 17.99 -19.49
C PHE F 25 -21.13 18.22 -18.03
N GLU F 26 -22.43 18.33 -17.77
CA GLU F 26 -22.96 18.41 -16.43
C GLU F 26 -23.95 17.27 -16.20
N PRO F 27 -24.03 16.74 -14.99
CA PRO F 27 -25.05 15.73 -14.70
C PRO F 27 -26.39 16.38 -14.41
N LEU F 28 -27.45 15.64 -14.68
CA LEU F 28 -28.80 16.04 -14.31
C LEU F 28 -29.50 14.89 -13.62
N THR F 29 -30.36 15.24 -12.67
CA THR F 29 -31.18 14.25 -11.96
C THR F 29 -32.59 14.30 -12.55
N VAL F 30 -33.14 13.13 -12.87
CA VAL F 30 -34.50 13.00 -13.35
C VAL F 30 -35.37 12.54 -12.19
N VAL F 31 -36.32 13.38 -11.79
CA VAL F 31 -37.19 13.09 -10.65
C VAL F 31 -38.50 12.52 -11.14
N ASN F 32 -39.00 11.53 -10.43
CA ASN F 32 -40.33 11.00 -10.64
C ASN F 32 -41.16 11.34 -9.40
N LYS F 33 -42.06 10.46 -8.97
CA LYS F 33 -42.73 10.68 -7.70
C LYS F 33 -42.06 9.92 -6.56
N ASN F 34 -41.70 8.66 -6.78
CA ASN F 34 -41.03 7.86 -5.76
C ASN F 34 -39.56 8.28 -5.75
N PRO F 35 -39.09 8.92 -4.67
CA PRO F 35 -37.69 9.38 -4.64
C PRO F 35 -36.68 8.25 -4.65
N ASP F 36 -37.09 7.02 -4.37
CA ASP F 36 -36.18 5.88 -4.48
C ASP F 36 -36.04 5.40 -5.91
N GLU F 37 -36.69 6.08 -6.86
CA GLU F 37 -36.56 5.79 -8.29
C GLU F 37 -35.86 6.94 -9.02
N ASP F 38 -35.19 7.82 -8.29
CA ASP F 38 -34.49 8.94 -8.88
C ASP F 38 -33.21 8.48 -9.55
N ILE F 39 -32.92 9.06 -10.71
CA ILE F 39 -31.78 8.65 -11.53
C ILE F 39 -30.91 9.86 -11.83
N VAL F 40 -29.63 9.59 -12.09
CA VAL F 40 -28.69 10.61 -12.56
C VAL F 40 -28.30 10.26 -13.99
N VAL F 41 -28.41 11.22 -14.89
CA VAL F 41 -28.02 11.06 -16.28
C VAL F 41 -26.76 11.87 -16.53
N LEU F 42 -25.77 11.26 -17.16
CA LEU F 42 -24.54 11.95 -17.49
C LEU F 42 -24.03 11.45 -18.83
N SER F 43 -23.10 12.20 -19.41
CA SER F 43 -22.56 11.87 -20.72
C SER F 43 -21.62 10.67 -20.64
N LYS F 44 -21.57 9.90 -21.74
CA LYS F 44 -20.60 8.81 -21.83
C LYS F 44 -19.18 9.33 -21.72
N SER F 45 -18.93 10.55 -22.19
CA SER F 45 -17.61 11.15 -22.04
C SER F 45 -17.23 11.30 -20.57
N GLU F 46 -18.09 11.97 -19.80
CA GLU F 46 -17.76 12.21 -18.38
C GLU F 46 -17.71 10.91 -17.59
N TRP F 47 -18.53 9.92 -17.96
CA TRP F 47 -18.48 8.63 -17.28
C TRP F 47 -17.12 7.97 -17.47
N ASP F 48 -16.68 7.83 -18.72
CA ASP F 48 -15.37 7.25 -18.99
C ASP F 48 -14.26 8.01 -18.29
N SER F 49 -14.42 9.34 -18.17
CA SER F 49 -13.40 10.14 -17.50
C SER F 49 -13.33 9.84 -16.00
N ILE F 50 -14.45 9.45 -15.40
CA ILE F 50 -14.44 9.13 -13.97
C ILE F 50 -13.88 7.74 -13.73
N GLN F 51 -14.35 6.75 -14.50
CA GLN F 51 -13.80 5.40 -14.40
C GLN F 51 -12.30 5.39 -14.67
N GLU F 52 -11.83 6.26 -15.56
CA GLU F 52 -10.40 6.38 -15.81
C GLU F 52 -9.67 6.84 -14.55
N THR F 53 -10.26 7.78 -13.81
CA THR F 53 -9.62 8.26 -12.59
C THR F 53 -9.65 7.20 -11.50
N LEU F 54 -10.73 6.43 -11.43
CA LEU F 54 -10.89 5.44 -10.36
C LEU F 54 -9.95 4.25 -10.53
N ARG F 55 -9.61 3.91 -11.77
CA ARG F 55 -8.64 2.85 -12.03
C ARG F 55 -7.20 3.36 -11.98
N ILE F 56 -6.99 4.65 -12.27
CA ILE F 56 -5.68 5.26 -12.07
C ILE F 56 -5.27 5.17 -10.60
N ALA F 57 -6.25 5.32 -9.70
CA ALA F 57 -5.99 5.18 -8.27
C ALA F 57 -5.36 3.84 -7.94
N GLN F 58 -5.72 2.78 -8.68
CA GLN F 58 -5.07 1.48 -8.54
C GLN F 58 -3.85 1.37 -9.45
N MET G 2 4.21 -26.54 -9.54
CA MET G 2 3.88 -25.67 -8.43
C MET G 2 2.87 -24.62 -8.86
N GLU G 3 1.87 -24.38 -8.01
CA GLU G 3 0.79 -23.47 -8.33
C GLU G 3 1.31 -22.05 -8.56
N ALA G 4 0.81 -21.41 -9.61
CA ALA G 4 1.09 -20.01 -9.89
C ALA G 4 -0.10 -19.15 -9.47
N VAL G 5 0.19 -17.92 -9.07
CA VAL G 5 -0.84 -16.96 -8.67
C VAL G 5 -0.42 -15.58 -9.16
N LEU G 6 -1.33 -14.91 -9.86
CA LEU G 6 -1.05 -13.57 -10.36
C LEU G 6 -0.84 -12.60 -9.20
N TYR G 7 0.03 -11.61 -9.42
CA TYR G 7 0.38 -10.67 -8.36
C TYR G 7 -0.85 -10.01 -7.76
N SER G 8 -1.75 -9.51 -8.61
CA SER G 8 -2.92 -8.79 -8.11
C SER G 8 -3.84 -9.71 -7.32
N THR G 9 -4.10 -10.92 -7.81
CA THR G 9 -4.95 -11.86 -7.09
C THR G 9 -4.32 -12.28 -5.76
N PHE G 10 -2.98 -12.34 -5.72
CA PHE G 10 -2.30 -12.61 -4.45
C PHE G 10 -2.50 -11.46 -3.48
N ARG G 11 -2.38 -10.22 -3.96
CA ARG G 11 -2.50 -9.07 -3.07
C ARG G 11 -3.91 -8.94 -2.52
N ASN G 12 -4.92 -9.34 -3.28
CA ASN G 12 -6.30 -9.23 -2.80
C ASN G 12 -6.56 -10.17 -1.63
N HIS G 13 -6.32 -11.46 -1.83
CA HIS G 13 -6.58 -12.48 -0.82
C HIS G 13 -5.30 -12.90 -0.10
N LEU G 14 -4.49 -11.93 0.32
CA LEU G 14 -3.16 -12.27 0.84
C LEU G 14 -3.26 -13.02 2.17
N LYS G 15 -4.09 -12.53 3.10
CA LYS G 15 -4.25 -13.25 4.36
C LYS G 15 -4.89 -14.61 4.17
N ASP G 16 -5.63 -14.82 3.08
CA ASP G 16 -6.13 -16.15 2.77
C ASP G 16 -5.01 -17.04 2.25
N TYR G 17 -4.14 -16.50 1.40
CA TYR G 17 -3.05 -17.31 0.84
C TYR G 17 -2.04 -17.69 1.91
N MET G 18 -1.78 -16.80 2.86
CA MET G 18 -0.95 -17.16 4.01
C MET G 18 -1.56 -18.32 4.78
N LYS G 19 -2.89 -18.32 4.93
CA LYS G 19 -3.57 -19.46 5.53
C LYS G 19 -3.48 -20.69 4.64
N LYS G 20 -3.47 -20.49 3.32
CA LYS G 20 -3.46 -21.61 2.38
C LYS G 20 -2.12 -22.34 2.40
N VAL G 21 -1.02 -21.59 2.32
CA VAL G 21 0.28 -22.24 2.26
C VAL G 21 0.63 -22.88 3.60
N ASN G 22 0.07 -22.38 4.71
CA ASN G 22 0.26 -23.02 6.01
C ASN G 22 -0.63 -24.24 6.18
N ASP G 23 -1.81 -24.25 5.56
CA ASP G 23 -2.72 -25.38 5.71
C ASP G 23 -2.27 -26.58 4.87
N GLU G 24 -1.83 -26.33 3.63
CA GLU G 24 -1.50 -27.40 2.71
C GLU G 24 -0.05 -27.89 2.82
N PHE G 25 0.82 -27.12 3.47
CA PHE G 25 2.24 -27.47 3.60
C PHE G 25 2.88 -27.67 2.23
N GLU G 26 2.66 -26.70 1.33
CA GLU G 26 3.20 -26.76 -0.02
C GLU G 26 3.36 -25.34 -0.55
N PRO G 27 4.36 -25.09 -1.39
CA PRO G 27 4.61 -23.73 -1.87
C PRO G 27 3.69 -23.34 -3.02
N LEU G 28 3.68 -22.03 -3.29
CA LEU G 28 3.13 -21.47 -4.52
C LEU G 28 4.08 -20.39 -5.00
N THR G 29 3.92 -19.98 -6.25
CA THR G 29 4.72 -18.89 -6.82
C THR G 29 3.80 -17.76 -7.24
N VAL G 30 4.18 -16.54 -6.88
CA VAL G 30 3.45 -15.33 -7.25
C VAL G 30 4.20 -14.68 -8.40
N VAL G 31 3.64 -14.78 -9.60
CA VAL G 31 4.27 -14.25 -10.80
C VAL G 31 3.86 -12.81 -11.01
N ASN G 32 4.75 -12.04 -11.64
CA ASN G 32 4.50 -10.66 -11.99
C ASN G 32 4.88 -10.47 -13.46
N LYS G 33 4.43 -9.34 -14.03
CA LYS G 33 4.75 -9.04 -15.43
C LYS G 33 6.25 -9.09 -15.67
N ASN G 34 7.03 -8.49 -14.79
CA ASN G 34 8.48 -8.57 -14.83
C ASN G 34 8.92 -9.88 -14.19
N PRO G 35 9.44 -10.84 -14.97
CA PRO G 35 9.79 -12.14 -14.40
C PRO G 35 10.91 -12.09 -13.37
N ASP G 36 11.71 -11.02 -13.35
CA ASP G 36 12.72 -10.84 -12.32
C ASP G 36 12.13 -10.36 -10.99
N GLU G 37 10.79 -10.29 -10.91
CA GLU G 37 10.07 -10.03 -9.68
C GLU G 37 9.29 -11.26 -9.21
N ASP G 38 9.58 -12.43 -9.77
CA ASP G 38 8.86 -13.64 -9.40
C ASP G 38 9.26 -14.09 -8.00
N ILE G 39 8.27 -14.59 -7.27
CA ILE G 39 8.44 -14.85 -5.84
C ILE G 39 7.87 -16.23 -5.51
N VAL G 40 8.50 -16.91 -4.58
CA VAL G 40 7.99 -18.16 -4.04
C VAL G 40 7.54 -17.90 -2.60
N VAL G 41 6.27 -18.16 -2.33
CA VAL G 41 5.69 -17.97 -1.00
C VAL G 41 5.58 -19.33 -0.32
N LEU G 42 6.09 -19.41 0.90
CA LEU G 42 6.25 -20.65 1.63
C LEU G 42 5.76 -20.50 3.06
N SER G 43 5.31 -21.61 3.65
CA SER G 43 5.00 -21.63 5.06
C SER G 43 6.29 -21.66 5.88
N LYS G 44 6.28 -20.96 7.01
CA LYS G 44 7.49 -20.90 7.84
C LYS G 44 7.89 -22.29 8.35
N SER G 45 6.91 -23.14 8.65
CA SER G 45 7.23 -24.50 9.08
C SER G 45 7.92 -25.29 7.98
N GLU G 46 7.35 -25.27 6.77
CA GLU G 46 7.96 -25.98 5.65
C GLU G 46 9.34 -25.41 5.31
N TRP G 47 9.51 -24.09 5.47
CA TRP G 47 10.82 -23.49 5.23
C TRP G 47 11.87 -24.07 6.17
N ASP G 48 11.53 -24.23 7.45
CA ASP G 48 12.47 -24.83 8.39
C ASP G 48 12.69 -26.31 8.09
N SER G 49 11.67 -27.00 7.58
CA SER G 49 11.84 -28.37 7.12
C SER G 49 12.85 -28.43 5.98
N ILE G 50 12.70 -27.53 4.99
CA ILE G 50 13.66 -27.48 3.89
C ILE G 50 15.05 -27.12 4.42
N GLN G 51 15.12 -26.11 5.29
CA GLN G 51 16.39 -25.68 5.86
C GLN G 51 17.10 -26.83 6.56
N GLU G 52 16.36 -27.61 7.35
CA GLU G 52 16.96 -28.79 7.99
C GLU G 52 17.36 -29.83 6.95
N THR G 53 16.49 -30.07 5.95
CA THR G 53 16.83 -31.00 4.89
C THR G 53 18.06 -30.55 4.12
N LEU G 54 18.22 -29.23 3.93
CA LEU G 54 19.42 -28.70 3.28
C LEU G 54 20.68 -29.09 4.05
N ARG G 55 20.69 -28.83 5.37
CA ARG G 55 21.88 -29.08 6.18
C ARG G 55 22.39 -30.50 6.03
N ILE G 56 21.49 -31.48 6.11
CA ILE G 56 21.92 -32.88 6.02
C ILE G 56 22.45 -33.18 4.62
N ALA G 57 21.91 -32.52 3.59
CA ALA G 57 22.34 -32.79 2.21
C ALA G 57 23.72 -32.22 1.91
N GLN G 58 24.15 -31.16 2.59
CA GLN G 58 25.49 -30.63 2.38
C GLN G 58 26.54 -31.62 2.88
N ASN G 59 26.36 -32.13 4.09
CA ASN G 59 27.23 -33.17 4.64
C ASN G 59 26.99 -34.48 3.90
N LYS G 60 27.87 -34.79 2.94
CA LYS G 60 27.76 -36.06 2.25
C LYS G 60 27.98 -37.24 3.20
N GLU G 61 28.75 -37.02 4.26
CA GLU G 61 28.89 -38.03 5.31
C GLU G 61 27.57 -38.31 5.99
N LEU G 62 26.96 -37.26 6.56
CA LEU G 62 25.67 -37.40 7.24
C LEU G 62 24.59 -37.90 6.30
N SER G 63 24.56 -37.38 5.07
CA SER G 63 23.49 -37.71 4.13
C SER G 63 23.52 -39.19 3.77
N ASP G 64 24.71 -39.70 3.40
CA ASP G 64 24.81 -41.11 3.04
C ASP G 64 24.52 -42.01 4.23
N LYS G 65 24.93 -41.59 5.42
CA LYS G 65 24.65 -42.36 6.62
C LYS G 65 23.15 -42.44 6.89
N VAL G 66 22.46 -41.31 6.83
CA VAL G 66 21.02 -41.28 7.06
C VAL G 66 20.29 -42.10 6.01
N LEU G 67 20.64 -41.88 4.74
CA LEU G 67 19.95 -42.56 3.65
C LEU G 67 20.16 -44.08 3.73
N ARG G 68 21.36 -44.51 4.10
CA ARG G 68 21.60 -45.93 4.30
C ARG G 68 20.80 -46.47 5.46
N GLY G 69 20.76 -45.73 6.57
CA GLY G 69 19.99 -46.17 7.72
C GLY G 69 18.50 -46.26 7.44
N MET G 70 17.98 -45.30 6.67
CA MET G 70 16.56 -45.36 6.29
C MET G 70 16.28 -46.59 5.43
N ALA G 71 17.24 -47.01 4.61
CA ALA G 71 17.07 -48.24 3.84
C ALA G 71 17.04 -49.46 4.74
N GLN G 72 17.89 -49.49 5.78
CA GLN G 72 17.97 -50.66 6.64
C GLN G 72 16.72 -50.81 7.50
N VAL G 73 16.21 -49.71 8.05
CA VAL G 73 15.04 -49.79 8.93
C VAL G 73 13.81 -50.22 8.14
N ARG G 74 13.68 -49.74 6.90
CA ARG G 74 12.53 -50.12 6.07
C ARG G 74 12.61 -51.57 5.62
N ALA G 75 13.79 -52.18 5.61
CA ALA G 75 13.95 -53.56 5.20
C ALA G 75 13.72 -54.52 6.36
N MET H 1 7.68 -46.83 21.76
CA MET H 1 7.54 -48.07 22.53
C MET H 1 8.82 -48.89 22.40
N LEU H 2 9.05 -49.43 21.20
CA LEU H 2 10.29 -50.13 20.91
C LEU H 2 11.36 -49.13 20.46
N LEU H 3 12.61 -49.44 20.79
CA LEU H 3 13.74 -48.56 20.51
C LEU H 3 14.68 -49.29 19.58
N LYS H 4 14.86 -48.77 18.37
CA LYS H 4 15.71 -49.41 17.37
C LYS H 4 16.89 -48.51 17.04
N PHE H 5 18.05 -49.13 16.88
CA PHE H 5 19.29 -48.45 16.52
C PHE H 5 19.86 -49.11 15.28
N THR H 6 20.21 -48.30 14.28
CA THR H 6 21.06 -48.83 13.22
C THR H 6 22.47 -49.03 13.75
N GLU H 7 23.28 -49.74 12.98
CA GLU H 7 24.66 -49.97 13.42
C GLU H 7 25.44 -48.67 13.47
N ASP H 8 25.23 -47.78 12.49
CA ASP H 8 25.92 -46.49 12.51
C ASP H 8 25.43 -45.63 13.67
N ALA H 9 24.13 -45.70 13.99
CA ALA H 9 23.61 -44.88 15.08
C ALA H 9 24.08 -45.39 16.44
N TRP H 10 24.31 -46.69 16.58
CA TRP H 10 24.83 -47.22 17.83
C TRP H 10 26.25 -46.74 18.07
N ALA H 11 27.10 -46.80 17.03
CA ALA H 11 28.46 -46.28 17.15
C ALA H 11 28.46 -44.81 17.57
N ASP H 12 27.58 -44.01 16.97
CA ASP H 12 27.45 -42.61 17.39
C ASP H 12 27.10 -42.50 18.86
N TYR H 13 26.11 -43.26 19.30
CA TYR H 13 25.70 -43.23 20.71
C TYR H 13 26.82 -43.71 21.61
N CYS H 14 27.53 -44.76 21.19
CA CYS H 14 28.65 -45.27 21.97
C CYS H 14 29.84 -44.33 21.95
N TYR H 15 29.97 -43.50 20.91
CA TYR H 15 31.00 -42.47 20.91
C TYR H 15 30.75 -41.45 22.01
N TRP H 16 29.50 -40.97 22.11
CA TRP H 16 29.16 -39.98 23.13
C TRP H 16 29.25 -40.55 24.53
N GLN H 17 29.29 -41.87 24.67
CA GLN H 17 29.41 -42.48 26.00
C GLN H 17 30.77 -42.20 26.61
N ASN H 18 31.84 -42.39 25.82
CA ASN H 18 33.18 -42.14 26.32
C ASN H 18 33.55 -40.66 26.33
N GLN H 19 33.05 -39.89 25.37
CA GLN H 19 33.57 -38.55 25.14
C GLN H 19 33.01 -37.53 26.13
N ASP H 20 31.69 -37.35 26.14
CA ASP H 20 31.09 -36.25 26.88
C ASP H 20 29.91 -36.73 27.71
N LYS H 21 29.95 -36.42 29.02
CA LYS H 21 28.82 -36.73 29.89
C LYS H 21 27.64 -35.79 29.62
N LYS H 22 27.93 -34.51 29.37
CA LYS H 22 26.86 -33.54 29.18
C LYS H 22 26.12 -33.76 27.88
N THR H 23 26.84 -34.11 26.81
CA THR H 23 26.17 -34.40 25.55
C THR H 23 25.32 -35.65 25.67
N LEU H 24 25.84 -36.69 26.34
CA LEU H 24 25.07 -37.91 26.55
C LEU H 24 23.82 -37.63 27.37
N LYS H 25 23.96 -36.87 28.46
CA LYS H 25 22.79 -36.49 29.24
C LYS H 25 21.76 -35.77 28.38
N ARG H 26 22.22 -34.94 27.44
CA ARG H 26 21.31 -34.30 26.50
C ARG H 26 20.64 -35.33 25.60
N ILE H 27 21.45 -36.20 24.98
CA ILE H 27 20.91 -37.24 24.11
C ILE H 27 19.91 -38.12 24.85
N ASN H 28 20.22 -38.46 26.11
CA ASN H 28 19.29 -39.29 26.89
C ASN H 28 18.01 -38.52 27.20
N LYS H 29 18.12 -37.24 27.54
CA LYS H 29 16.94 -36.41 27.73
C LYS H 29 16.14 -36.32 26.44
N LEU H 30 16.82 -36.21 25.30
CA LEU H 30 16.13 -36.18 24.01
C LEU H 30 15.43 -37.51 23.74
N ILE H 31 16.10 -38.62 24.00
CA ILE H 31 15.47 -39.92 23.78
C ILE H 31 14.26 -40.10 24.67
N LYS H 32 14.35 -39.60 25.91
CA LYS H 32 13.21 -39.71 26.82
C LYS H 32 12.01 -38.92 26.31
N ASP H 33 12.24 -37.78 25.66
CA ASP H 33 11.11 -36.98 25.19
C ASP H 33 10.57 -37.50 23.86
N ILE H 34 11.40 -38.14 23.04
CA ILE H 34 10.88 -38.85 21.87
C ILE H 34 9.96 -39.97 22.32
N GLN H 35 10.28 -40.61 23.45
CA GLN H 35 9.46 -41.70 23.97
C GLN H 35 8.08 -41.20 24.39
N ARG H 36 8.02 -40.03 25.02
CA ARG H 36 6.74 -39.46 25.42
C ARG H 36 5.89 -39.09 24.20
N ASP H 37 6.48 -38.33 23.28
CA ASP H 37 5.84 -37.95 22.03
C ASP H 37 6.94 -37.67 21.00
N PRO H 38 7.05 -38.49 19.95
CA PRO H 38 8.17 -38.32 19.01
C PRO H 38 8.03 -37.10 18.12
N PHE H 39 6.81 -36.58 17.93
CA PHE H 39 6.57 -35.48 17.00
C PHE H 39 6.81 -34.10 17.59
N THR H 40 6.70 -33.96 18.92
CA THR H 40 6.83 -32.67 19.59
C THR H 40 7.86 -32.78 20.71
N GLY H 41 8.08 -31.68 21.41
CA GLY H 41 8.92 -31.66 22.59
C GLY H 41 10.23 -30.90 22.40
N ILE H 42 11.19 -31.23 23.26
CA ILE H 42 12.47 -30.52 23.35
C ILE H 42 13.30 -30.76 22.10
N GLY H 43 14.39 -29.99 21.96
CA GLY H 43 15.03 -29.91 20.66
C GLY H 43 14.12 -29.08 19.76
N LYS H 44 14.38 -29.16 18.46
CA LYS H 44 13.50 -28.57 17.45
C LYS H 44 12.99 -29.70 16.57
N PRO H 45 11.94 -30.41 16.99
CA PRO H 45 11.40 -31.48 16.16
C PRO H 45 11.00 -30.97 14.78
N GLU H 46 11.71 -31.41 13.76
CA GLU H 46 11.48 -30.95 12.40
C GLU H 46 11.56 -32.15 11.46
N PRO H 47 10.50 -32.45 10.72
CA PRO H 47 10.58 -33.50 9.71
C PRO H 47 11.43 -33.09 8.51
N LEU H 48 12.02 -34.08 7.87
CA LEU H 48 12.84 -33.90 6.68
C LEU H 48 12.02 -34.17 5.43
N LYS H 49 12.54 -33.73 4.30
CA LYS H 49 11.78 -33.67 3.06
C LYS H 49 12.50 -34.41 1.94
N TYR H 50 11.76 -34.64 0.85
CA TYR H 50 12.28 -35.19 -0.41
C TYR H 50 12.80 -36.59 -0.17
N ASP H 51 14.06 -36.91 -0.47
CA ASP H 51 14.55 -38.27 -0.30
C ASP H 51 14.68 -38.67 1.16
N TYR H 52 14.81 -37.70 2.06
CA TYR H 52 14.86 -37.96 3.48
C TYR H 52 13.48 -37.92 4.12
N GLN H 53 12.42 -37.95 3.31
CA GLN H 53 11.06 -37.92 3.83
C GLN H 53 10.81 -39.15 4.69
N GLY H 54 10.23 -38.92 5.88
CA GLY H 54 10.06 -39.94 6.90
C GLY H 54 10.99 -39.76 8.07
N ALA H 55 12.18 -39.22 7.83
CA ALA H 55 13.15 -38.97 8.88
C ALA H 55 12.80 -37.67 9.61
N TRP H 56 13.40 -37.52 10.79
CA TRP H 56 13.07 -36.42 11.69
C TRP H 56 14.36 -35.95 12.35
N SER H 57 14.32 -34.71 12.85
CA SER H 57 15.51 -34.05 13.34
C SER H 57 15.22 -33.36 14.67
N ARG H 58 16.13 -33.55 15.61
CA ARG H 58 16.17 -32.79 16.85
C ARG H 58 17.61 -32.34 17.07
N ARG H 59 17.78 -31.29 17.85
CA ARG H 59 19.07 -30.62 17.94
C ARG H 59 19.71 -30.93 19.29
N ILE H 60 20.78 -31.72 19.24
CA ILE H 60 21.53 -32.03 20.45
C ILE H 60 22.23 -30.77 20.97
N ASP H 61 23.05 -30.16 20.12
CA ASP H 61 23.61 -28.84 20.37
C ASP H 61 23.41 -28.02 19.10
N ALA H 62 24.24 -26.98 18.93
CA ALA H 62 24.19 -26.19 17.71
C ALA H 62 24.86 -26.88 16.53
N GLU H 63 25.60 -27.97 16.76
CA GLU H 63 26.38 -28.62 15.71
C GLU H 63 25.91 -30.02 15.37
N ASN H 64 25.32 -30.76 16.30
CA ASN H 64 24.96 -32.15 16.09
C ASN H 64 23.45 -32.32 16.18
N ARG H 65 22.93 -33.26 15.38
CA ARG H 65 21.49 -33.48 15.28
C ARG H 65 21.15 -34.94 15.55
N LEU H 66 20.06 -35.15 16.29
CA LEU H 66 19.50 -36.47 16.52
C LEU H 66 18.51 -36.75 15.40
N ILE H 67 18.91 -37.63 14.47
CA ILE H 67 18.11 -37.96 13.31
C ILE H 67 17.47 -39.34 13.51
N TYR H 68 16.14 -39.40 13.44
CA TYR H 68 15.42 -40.61 13.78
C TYR H 68 14.25 -40.81 12.83
N MET H 69 13.49 -41.88 13.08
CA MET H 69 12.45 -42.40 12.21
C MET H 69 11.53 -43.28 13.04
N MET H 70 10.22 -43.19 12.80
CA MET H 70 9.27 -43.75 13.74
C MET H 70 8.11 -44.41 13.01
N ASP H 71 7.29 -45.11 13.79
CA ASP H 71 6.05 -45.73 13.34
C ASP H 71 5.09 -45.73 14.51
N GLY H 72 4.10 -46.63 14.48
CA GLY H 72 3.14 -46.70 15.57
C GLY H 72 3.55 -47.53 16.75
N ASP H 73 4.67 -48.24 16.65
CA ASP H 73 5.12 -49.11 17.72
C ASP H 73 6.59 -48.91 18.05
N SER H 74 7.33 -48.11 17.29
CA SER H 74 8.77 -48.06 17.46
C SER H 74 9.32 -46.78 16.83
N VAL H 75 10.50 -46.39 17.29
CA VAL H 75 11.26 -45.29 16.71
C VAL H 75 12.67 -45.80 16.43
N ALA H 76 13.19 -45.49 15.24
CA ALA H 76 14.50 -45.94 14.80
C ALA H 76 15.45 -44.74 14.75
N PHE H 77 16.61 -44.88 15.38
CA PHE H 77 17.61 -43.82 15.39
C PHE H 77 18.61 -44.03 14.26
N LEU H 78 18.95 -42.94 13.58
CA LEU H 78 19.86 -42.99 12.44
C LEU H 78 21.22 -42.37 12.71
N SER H 79 21.30 -41.33 13.54
CA SER H 79 22.57 -40.67 13.79
C SER H 79 22.47 -39.81 15.04
N PHE H 80 23.57 -39.71 15.77
CA PHE H 80 23.70 -38.82 16.91
C PHE H 80 24.87 -37.87 16.76
N LYS H 81 25.60 -37.92 15.65
CA LYS H 81 26.80 -37.12 15.45
C LYS H 81 26.88 -36.77 13.98
N ASP H 82 27.05 -35.48 13.67
CA ASP H 82 26.90 -35.02 12.30
C ASP H 82 28.10 -35.42 11.44
N HIS H 83 29.30 -35.02 11.85
CA HIS H 83 30.51 -35.32 11.09
C HIS H 83 31.67 -35.61 12.02
N TYR H 84 32.45 -36.64 11.67
CA TYR H 84 33.58 -37.06 12.49
C TYR H 84 34.88 -36.42 12.02
N MET I 2 15.69 -14.63 6.62
CA MET I 2 16.75 -13.94 7.34
C MET I 2 16.35 -12.49 7.65
N GLU I 3 15.21 -12.07 7.12
CA GLU I 3 14.66 -10.75 7.42
C GLU I 3 13.19 -10.88 7.75
N ALA I 4 12.74 -10.15 8.77
CA ALA I 4 11.39 -10.24 9.29
C ALA I 4 10.69 -8.90 9.19
N VAL I 5 9.37 -8.96 9.01
CA VAL I 5 8.57 -7.77 8.77
C VAL I 5 7.14 -8.05 9.25
N LEU I 6 6.51 -7.03 9.83
CA LEU I 6 5.12 -7.13 10.22
C LEU I 6 4.23 -7.43 9.01
N TYR I 7 3.07 -8.00 9.27
CA TYR I 7 2.13 -8.31 8.19
C TYR I 7 1.65 -7.04 7.51
N SER I 8 1.37 -6.00 8.29
CA SER I 8 0.83 -4.77 7.72
C SER I 8 1.85 -4.08 6.81
N THR I 9 3.12 -4.04 7.23
CA THR I 9 4.16 -3.47 6.39
C THR I 9 4.33 -4.30 5.12
N PHE I 10 4.21 -5.62 5.24
CA PHE I 10 4.29 -6.48 4.06
C PHE I 10 3.13 -6.23 3.11
N ARG I 11 1.92 -6.08 3.65
CA ARG I 11 0.74 -5.86 2.83
C ARG I 11 0.81 -4.51 2.12
N ASN I 12 1.26 -3.48 2.83
CA ASN I 12 1.33 -2.15 2.24
C ASN I 12 2.31 -2.10 1.07
N HIS I 13 3.53 -2.62 1.27
CA HIS I 13 4.60 -2.51 0.30
C HIS I 13 4.86 -3.84 -0.40
N LEU I 14 3.81 -4.51 -0.84
CA LEU I 14 3.97 -5.88 -1.31
C LEU I 14 4.78 -5.94 -2.60
N LYS I 15 4.53 -5.01 -3.53
CA LYS I 15 5.36 -4.95 -4.74
C LYS I 15 6.81 -4.63 -4.40
N ASP I 16 7.03 -3.70 -3.48
CA ASP I 16 8.39 -3.34 -3.09
C ASP I 16 9.14 -4.55 -2.54
N TYR I 17 8.45 -5.40 -1.78
CA TYR I 17 9.12 -6.52 -1.12
C TYR I 17 9.42 -7.66 -2.08
N MET I 18 8.60 -7.83 -3.13
CA MET I 18 8.98 -8.73 -4.21
C MET I 18 10.25 -8.27 -4.90
N LYS I 19 10.46 -6.95 -4.98
CA LYS I 19 11.70 -6.42 -5.52
C LYS I 19 12.83 -6.54 -4.51
N LYS I 20 12.55 -6.30 -3.23
CA LYS I 20 13.58 -6.42 -2.20
C LYS I 20 14.16 -7.82 -2.16
N VAL I 21 13.31 -8.84 -2.25
CA VAL I 21 13.77 -10.21 -2.12
C VAL I 21 14.52 -10.66 -3.38
N ASN I 22 14.07 -10.20 -4.55
CA ASN I 22 14.70 -10.58 -5.80
C ASN I 22 16.00 -9.84 -6.07
N ASP I 23 16.21 -8.68 -5.45
CA ASP I 23 17.46 -7.95 -5.63
C ASP I 23 18.47 -8.27 -4.54
N GLU I 24 18.02 -8.34 -3.30
CA GLU I 24 18.90 -8.66 -2.18
C GLU I 24 19.05 -10.15 -1.95
N PHE I 25 18.32 -10.98 -2.71
CA PHE I 25 18.43 -12.44 -2.64
C PHE I 25 18.38 -12.93 -1.20
N GLU I 26 17.34 -12.52 -0.49
CA GLU I 26 17.23 -12.78 0.94
C GLU I 26 15.85 -13.32 1.27
N PRO I 27 15.76 -14.45 1.96
CA PRO I 27 14.46 -14.90 2.48
C PRO I 27 13.82 -13.83 3.36
N LEU I 28 12.48 -13.82 3.35
CA LEU I 28 11.70 -12.86 4.10
C LEU I 28 10.66 -13.61 4.91
N THR I 29 10.56 -13.30 6.20
CA THR I 29 9.57 -13.92 7.08
C THR I 29 8.52 -12.87 7.43
N VAL I 30 7.30 -13.09 6.97
CA VAL I 30 6.17 -12.26 7.39
C VAL I 30 5.66 -12.78 8.73
N VAL I 31 5.52 -11.88 9.71
CA VAL I 31 5.20 -12.24 11.08
C VAL I 31 3.81 -11.73 11.43
N ASN I 32 3.05 -12.56 12.16
CA ASN I 32 1.73 -12.23 12.65
C ASN I 32 1.66 -12.55 14.14
N LYS I 33 0.54 -12.15 14.75
CA LYS I 33 0.26 -12.57 16.13
C LYS I 33 0.09 -14.09 16.20
N ASN I 34 -0.61 -14.66 15.22
CA ASN I 34 -0.77 -16.11 15.05
C ASN I 34 0.47 -16.68 14.38
N PRO I 35 1.40 -17.28 15.14
CA PRO I 35 2.65 -17.76 14.53
C PRO I 35 2.43 -18.91 13.55
N ASP I 36 1.27 -19.55 13.60
CA ASP I 36 0.93 -20.61 12.65
C ASP I 36 0.35 -20.05 11.36
N GLU I 37 0.26 -18.72 11.24
CA GLU I 37 0.00 -18.05 9.98
C GLU I 37 1.26 -17.58 9.27
N ASP I 38 2.40 -17.62 9.96
CA ASP I 38 3.62 -16.99 9.43
C ASP I 38 4.07 -17.66 8.13
N ILE I 39 4.54 -16.83 7.20
CA ILE I 39 4.98 -17.33 5.91
C ILE I 39 6.43 -16.96 5.65
N VAL I 40 6.98 -17.44 4.54
CA VAL I 40 8.33 -17.10 4.14
C VAL I 40 8.33 -16.81 2.63
N VAL I 41 9.02 -15.75 2.25
CA VAL I 41 8.97 -15.21 0.89
C VAL I 41 10.35 -15.30 0.27
N LEU I 42 10.47 -16.10 -0.79
CA LEU I 42 11.74 -16.30 -1.50
C LEU I 42 11.64 -15.76 -2.92
N SER I 43 12.79 -15.37 -3.46
CA SER I 43 12.90 -15.09 -4.87
C SER I 43 12.97 -16.41 -5.61
N LYS I 44 12.28 -16.48 -6.76
CA LYS I 44 12.26 -17.72 -7.55
C LYS I 44 13.68 -18.16 -7.91
N SER I 45 14.59 -17.22 -8.16
CA SER I 45 16.00 -17.54 -8.36
C SER I 45 16.59 -18.26 -7.14
N GLU I 46 16.36 -17.73 -5.94
CA GLU I 46 16.89 -18.38 -4.75
C GLU I 46 16.22 -19.74 -4.51
N TRP I 47 14.92 -19.84 -4.80
CA TRP I 47 14.24 -21.12 -4.68
C TRP I 47 14.84 -22.18 -5.61
N ASP I 48 15.21 -21.80 -6.84
CA ASP I 48 15.83 -22.73 -7.79
C ASP I 48 17.20 -23.20 -7.30
N SER I 49 17.98 -22.30 -6.72
CA SER I 49 19.32 -22.66 -6.30
C SER I 49 19.27 -23.63 -5.12
N ILE I 50 18.30 -23.45 -4.22
CA ILE I 50 18.12 -24.38 -3.11
C ILE I 50 17.76 -25.76 -3.65
N GLN I 51 16.75 -25.82 -4.54
CA GLN I 51 16.34 -27.10 -5.09
C GLN I 51 17.45 -27.75 -5.90
N GLU I 52 18.27 -26.96 -6.59
CA GLU I 52 19.38 -27.51 -7.34
C GLU I 52 20.42 -28.13 -6.43
N THR I 53 20.76 -27.45 -5.33
CA THR I 53 21.69 -28.03 -4.37
C THR I 53 21.17 -29.35 -3.82
N LEU I 54 19.86 -29.44 -3.62
CA LEU I 54 19.27 -30.69 -3.14
C LEU I 54 19.28 -31.76 -4.24
N ARG I 55 19.04 -31.36 -5.48
CA ARG I 55 19.02 -32.34 -6.57
C ARG I 55 20.41 -32.90 -6.83
N ILE I 56 21.42 -32.04 -6.89
CA ILE I 56 22.79 -32.49 -7.13
C ILE I 56 23.33 -33.32 -5.97
N ALA I 57 22.66 -33.29 -4.81
CA ALA I 57 23.03 -34.16 -3.71
C ALA I 57 22.42 -35.55 -3.84
N GLN I 58 21.28 -35.65 -4.53
CA GLN I 58 20.52 -36.90 -4.74
C GLN I 58 20.57 -37.86 -3.55
N MET J 2 32.31 -7.97 26.77
CA MET J 2 31.93 -9.14 27.57
C MET J 2 30.87 -8.76 28.61
N GLU J 3 30.03 -7.79 28.26
CA GLU J 3 29.07 -7.25 29.22
C GLU J 3 28.05 -8.31 29.64
N ALA J 4 27.80 -8.39 30.94
CA ALA J 4 26.88 -9.36 31.52
C ALA J 4 25.82 -8.65 32.34
N VAL J 5 24.62 -9.22 32.35
CA VAL J 5 23.46 -8.61 33.01
C VAL J 5 22.58 -9.72 33.59
N LEU J 6 22.15 -9.54 34.83
CA LEU J 6 21.26 -10.51 35.46
C LEU J 6 19.88 -10.48 34.82
N TYR J 7 19.20 -11.63 34.83
CA TYR J 7 17.93 -11.76 34.14
C TYR J 7 16.90 -10.74 34.64
N SER J 8 16.93 -10.41 35.93
CA SER J 8 15.95 -9.49 36.48
C SER J 8 16.15 -8.08 35.95
N THR J 9 17.40 -7.58 36.00
CA THR J 9 17.70 -6.26 35.44
C THR J 9 17.36 -6.22 33.95
N PHE J 10 17.64 -7.32 33.24
CA PHE J 10 17.30 -7.41 31.82
C PHE J 10 15.79 -7.37 31.60
N ARG J 11 15.05 -8.19 32.36
CA ARG J 11 13.61 -8.27 32.20
C ARG J 11 12.94 -6.94 32.52
N ASN J 12 13.35 -6.31 33.61
CA ASN J 12 12.69 -5.09 34.06
C ASN J 12 13.01 -3.89 33.16
N HIS J 13 14.13 -3.93 32.44
CA HIS J 13 14.49 -2.83 31.55
C HIS J 13 14.71 -3.34 30.13
N LEU J 14 13.75 -4.10 29.59
CA LEU J 14 13.96 -4.78 28.32
C LEU J 14 14.21 -3.82 27.17
N LYS J 15 13.27 -2.90 26.95
CA LYS J 15 13.38 -1.99 25.80
C LYS J 15 14.64 -1.14 25.89
N ASP J 16 15.03 -0.74 27.10
CA ASP J 16 16.24 0.06 27.28
C ASP J 16 17.49 -0.72 26.86
N TYR J 17 17.46 -2.05 26.98
CA TYR J 17 18.60 -2.86 26.61
C TYR J 17 18.61 -3.21 25.11
N MET J 18 17.42 -3.34 24.50
CA MET J 18 17.36 -3.53 23.07
C MET J 18 17.97 -2.34 22.33
N LYS J 19 17.76 -1.14 22.87
CA LYS J 19 18.36 0.06 22.26
C LYS J 19 19.84 0.14 22.56
N LYS J 20 20.24 -0.23 23.78
CA LYS J 20 21.65 -0.19 24.16
C LYS J 20 22.50 -1.04 23.23
N VAL J 21 21.95 -2.18 22.79
CA VAL J 21 22.70 -3.07 21.91
C VAL J 21 22.72 -2.52 20.48
N ASN J 22 21.68 -1.80 20.07
CA ASN J 22 21.62 -1.22 18.73
C ASN J 22 22.39 0.10 18.62
N ASP J 23 22.43 0.89 19.70
CA ASP J 23 23.11 2.18 19.65
C ASP J 23 24.61 2.03 19.89
N GLU J 24 25.00 1.25 20.91
CA GLU J 24 26.41 1.01 21.17
C GLU J 24 27.01 -0.05 20.26
N PHE J 25 26.19 -0.76 19.49
CA PHE J 25 26.66 -1.82 18.60
C PHE J 25 27.50 -2.84 19.34
N GLU J 26 26.96 -3.34 20.46
CA GLU J 26 27.71 -4.18 21.38
C GLU J 26 26.85 -5.31 21.92
N PRO J 27 27.31 -6.56 21.86
CA PRO J 27 26.54 -7.66 22.44
C PRO J 27 26.76 -7.77 23.95
N LEU J 28 25.70 -8.14 24.66
CA LEU J 28 25.78 -8.47 26.08
C LEU J 28 25.32 -9.91 26.29
N THR J 29 25.41 -10.37 27.53
CA THR J 29 24.97 -11.71 27.88
C THR J 29 24.15 -11.66 29.16
N VAL J 30 23.04 -12.38 29.17
CA VAL J 30 22.15 -12.44 30.31
C VAL J 30 22.53 -13.65 31.16
N VAL J 31 23.00 -13.39 32.38
CA VAL J 31 23.52 -14.44 33.25
C VAL J 31 22.41 -14.93 34.16
N ASN J 32 22.25 -16.24 34.22
CA ASN J 32 21.33 -16.88 35.15
C ASN J 32 22.12 -17.79 36.08
N LYS J 33 21.47 -18.21 37.16
CA LYS J 33 22.10 -19.17 38.07
C LYS J 33 22.45 -20.46 37.34
N ASN J 34 21.59 -20.88 36.42
CA ASN J 34 21.84 -22.05 35.59
C ASN J 34 22.51 -21.57 34.30
N PRO J 35 23.79 -21.87 34.08
CA PRO J 35 24.47 -21.36 32.87
C PRO J 35 23.87 -21.89 31.58
N ASP J 36 23.11 -22.98 31.62
CA ASP J 36 22.39 -23.46 30.45
C ASP J 36 21.09 -22.69 30.19
N GLU J 37 20.91 -21.57 30.89
CA GLU J 37 19.92 -20.56 30.55
C GLU J 37 20.56 -19.26 30.10
N ASP J 38 21.88 -19.17 30.15
CA ASP J 38 22.58 -17.95 29.75
C ASP J 38 22.44 -17.73 28.26
N ILE J 39 22.12 -16.50 27.87
CA ILE J 39 21.82 -16.17 26.48
C ILE J 39 22.63 -14.94 26.09
N VAL J 40 22.88 -14.81 24.78
CA VAL J 40 23.57 -13.66 24.22
C VAL J 40 22.53 -12.85 23.43
N VAL J 41 22.49 -11.55 23.69
CA VAL J 41 21.53 -10.64 23.07
C VAL J 41 22.28 -9.73 22.11
N LEU J 42 21.85 -9.71 20.84
CA LEU J 42 22.60 -9.09 19.76
C LEU J 42 21.71 -8.14 18.96
N SER J 43 22.35 -7.17 18.32
CA SER J 43 21.67 -6.31 17.36
C SER J 43 21.34 -7.09 16.09
N LYS J 44 20.13 -6.90 15.57
CA LYS J 44 19.78 -7.52 14.30
C LYS J 44 20.71 -7.07 13.20
N SER J 45 21.14 -5.81 13.22
CA SER J 45 22.13 -5.32 12.27
C SER J 45 23.46 -6.02 12.45
N GLU J 46 23.96 -6.06 13.68
CA GLU J 46 25.25 -6.69 13.93
C GLU J 46 25.19 -8.21 13.70
N TRP J 47 24.02 -8.81 13.94
CA TRP J 47 23.87 -10.22 13.64
C TRP J 47 24.05 -10.49 12.16
N ASP J 48 23.51 -9.61 11.31
CA ASP J 48 23.67 -9.76 9.86
C ASP J 48 25.14 -9.65 9.46
N SER J 49 25.88 -8.72 10.09
CA SER J 49 27.31 -8.63 9.81
C SER J 49 28.04 -9.91 10.20
N ILE J 50 27.77 -10.41 11.42
CA ILE J 50 28.41 -11.64 11.89
C ILE J 50 28.01 -12.81 11.01
N GLN J 51 26.73 -12.90 10.64
CA GLN J 51 26.27 -13.95 9.74
C GLN J 51 27.03 -13.90 8.42
N GLU J 52 27.16 -12.69 7.85
CA GLU J 52 27.92 -12.52 6.61
C GLU J 52 29.37 -12.92 6.80
N THR J 53 30.01 -12.44 7.87
CA THR J 53 31.40 -12.77 8.13
C THR J 53 31.60 -14.27 8.33
N LEU J 54 30.61 -14.94 8.95
CA LEU J 54 30.75 -16.37 9.20
C LEU J 54 30.60 -17.19 7.92
N ARG J 55 29.65 -16.82 7.06
CA ARG J 55 29.44 -17.55 5.81
C ARG J 55 30.68 -17.53 4.94
N ILE J 56 31.42 -16.42 4.94
CA ILE J 56 32.65 -16.34 4.17
C ILE J 56 33.76 -17.14 4.83
N ALA J 57 33.88 -17.05 6.16
CA ALA J 57 34.94 -17.77 6.87
C ALA J 57 34.81 -19.28 6.70
N GLN J 58 33.59 -19.78 6.46
CA GLN J 58 33.41 -21.21 6.27
C GLN J 58 33.85 -21.66 4.88
N ASN J 59 33.78 -20.78 3.89
CA ASN J 59 34.33 -21.07 2.57
C ASN J 59 35.85 -20.91 2.67
N LYS J 60 36.57 -22.03 2.63
CA LYS J 60 38.02 -21.99 2.78
C LYS J 60 38.68 -21.22 1.64
N GLU J 61 38.28 -21.52 0.39
CA GLU J 61 38.87 -20.84 -0.75
C GLU J 61 38.58 -19.34 -0.71
N LEU J 62 37.35 -18.96 -0.37
CA LEU J 62 36.96 -17.56 -0.39
C LEU J 62 37.67 -16.77 0.69
N SER J 63 37.65 -17.25 1.93
CA SER J 63 38.28 -16.54 3.04
C SER J 63 39.76 -16.31 2.77
N ASP J 64 40.46 -17.36 2.34
CA ASP J 64 41.88 -17.21 2.00
C ASP J 64 42.07 -16.28 0.81
N LYS J 65 41.10 -16.22 -0.09
CA LYS J 65 41.18 -15.27 -1.21
C LYS J 65 40.93 -13.85 -0.73
N VAL J 66 39.91 -13.65 0.09
CA VAL J 66 39.58 -12.33 0.59
C VAL J 66 40.72 -11.77 1.44
N LEU J 67 41.21 -12.58 2.38
CA LEU J 67 42.23 -12.09 3.31
C LEU J 67 43.52 -11.74 2.59
N ARG J 68 43.94 -12.56 1.62
CA ARG J 68 45.15 -12.24 0.86
C ARG J 68 44.96 -10.97 0.04
N GLY J 69 43.76 -10.76 -0.50
CA GLY J 69 43.49 -9.53 -1.23
C GLY J 69 43.50 -8.32 -0.33
N MET J 70 42.89 -8.44 0.86
CA MET J 70 42.92 -7.35 1.83
C MET J 70 44.36 -6.99 2.21
N ALA J 71 45.26 -7.96 2.20
CA ALA J 71 46.67 -7.69 2.50
C ALA J 71 47.33 -6.92 1.35
N GLN J 72 46.98 -7.26 0.11
CA GLN J 72 47.58 -6.58 -1.04
C GLN J 72 47.16 -5.12 -1.10
N VAL J 73 45.88 -4.84 -0.85
CA VAL J 73 45.39 -3.46 -0.92
C VAL J 73 46.04 -2.60 0.15
N ARG J 74 46.30 -3.19 1.32
CA ARG J 74 46.88 -2.41 2.42
C ARG J 74 48.36 -2.13 2.18
N ALA J 75 49.05 -3.05 1.51
CA ALA J 75 50.49 -2.89 1.25
C ALA J 75 50.78 -1.66 0.39
N MET K 1 36.28 8.55 -9.01
CA MET K 1 36.44 7.53 -7.99
C MET K 1 37.08 6.28 -8.60
N LEU K 2 38.27 5.94 -8.11
CA LEU K 2 39.08 4.90 -8.73
C LEU K 2 38.51 3.51 -8.44
N LEU K 3 38.80 2.58 -9.35
CA LEU K 3 38.43 1.17 -9.21
C LEU K 3 39.71 0.35 -9.20
N LYS K 4 39.91 -0.44 -8.14
CA LYS K 4 41.03 -1.35 -8.05
C LYS K 4 40.55 -2.79 -8.15
N PHE K 5 41.39 -3.64 -8.74
CA PHE K 5 41.14 -5.08 -8.79
C PHE K 5 42.37 -5.81 -8.29
N THR K 6 42.16 -6.82 -7.47
CA THR K 6 43.25 -7.76 -7.22
C THR K 6 43.33 -8.75 -8.38
N GLU K 7 44.45 -9.49 -8.43
CA GLU K 7 44.58 -10.50 -9.47
C GLU K 7 43.50 -11.56 -9.36
N ASP K 8 43.20 -12.00 -8.13
CA ASP K 8 42.10 -12.93 -7.94
C ASP K 8 40.77 -12.31 -8.37
N ALA K 9 40.52 -11.05 -7.99
CA ALA K 9 39.26 -10.41 -8.32
C ALA K 9 39.12 -10.22 -9.83
N TRP K 10 40.17 -9.71 -10.48
CA TRP K 10 40.12 -9.55 -11.93
C TRP K 10 39.86 -10.87 -12.62
N ALA K 11 40.49 -11.94 -12.15
CA ALA K 11 40.21 -13.28 -12.68
C ALA K 11 38.72 -13.59 -12.58
N ASP K 12 38.12 -13.36 -11.41
CA ASP K 12 36.69 -13.62 -11.23
C ASP K 12 35.86 -12.79 -12.21
N TYR K 13 36.18 -11.50 -12.34
CA TYR K 13 35.44 -10.65 -13.27
C TYR K 13 35.60 -11.13 -14.69
N CYS K 14 36.80 -11.58 -15.06
CA CYS K 14 37.01 -12.08 -16.41
C CYS K 14 36.27 -13.39 -16.63
N TYR K 15 36.20 -14.22 -15.58
CA TYR K 15 35.47 -15.48 -15.68
C TYR K 15 34.01 -15.25 -16.03
N TRP K 16 33.36 -14.34 -15.30
CA TRP K 16 31.93 -14.10 -15.53
C TRP K 16 31.69 -13.54 -16.93
N GLN K 17 32.60 -12.68 -17.40
CA GLN K 17 32.43 -12.09 -18.72
C GLN K 17 32.50 -13.15 -19.81
N ASN K 18 33.30 -14.21 -19.61
CA ASN K 18 33.26 -15.35 -20.50
C ASN K 18 32.02 -16.21 -20.25
N GLN K 19 31.66 -16.41 -18.99
CA GLN K 19 30.66 -17.42 -18.62
C GLN K 19 29.24 -16.94 -18.88
N ASP K 20 28.76 -16.00 -18.06
CA ASP K 20 27.35 -15.61 -18.07
C ASP K 20 27.21 -14.12 -18.35
N LYS K 21 26.46 -13.78 -19.40
CA LYS K 21 26.20 -12.38 -19.68
C LYS K 21 25.22 -11.78 -18.67
N LYS K 22 24.30 -12.58 -18.15
CA LYS K 22 23.35 -12.07 -17.16
C LYS K 22 24.04 -11.72 -15.85
N THR K 23 24.95 -12.58 -15.38
CA THR K 23 25.68 -12.28 -14.15
C THR K 23 26.57 -11.06 -14.31
N LEU K 24 27.25 -10.94 -15.45
CA LEU K 24 28.08 -9.76 -15.69
C LEU K 24 27.23 -8.49 -15.75
N LYS K 25 26.08 -8.54 -16.40
CA LYS K 25 25.19 -7.39 -16.42
C LYS K 25 24.79 -6.98 -15.01
N ARG K 26 24.55 -7.97 -14.14
CA ARG K 26 24.26 -7.65 -12.74
C ARG K 26 25.48 -7.11 -12.03
N ILE K 27 26.64 -7.74 -12.26
CA ILE K 27 27.88 -7.29 -11.61
C ILE K 27 28.20 -5.85 -12.01
N ASN K 28 28.05 -5.52 -13.30
CA ASN K 28 28.29 -4.15 -13.73
C ASN K 28 27.28 -3.20 -13.10
N LYS K 29 26.06 -3.66 -12.81
CA LYS K 29 25.08 -2.82 -12.15
C LYS K 29 25.48 -2.57 -10.70
N LEU K 30 25.97 -3.61 -10.02
CA LEU K 30 26.45 -3.43 -8.66
C LEU K 30 27.63 -2.47 -8.62
N ILE K 31 28.55 -2.58 -9.59
CA ILE K 31 29.72 -1.71 -9.63
C ILE K 31 29.29 -0.26 -9.81
N LYS K 32 28.41 -0.01 -10.77
CA LYS K 32 27.91 1.35 -10.99
C LYS K 32 27.23 1.90 -9.75
N ASP K 33 26.49 1.06 -9.03
CA ASP K 33 25.86 1.51 -7.79
C ASP K 33 26.90 1.73 -6.69
N ILE K 34 28.01 1.00 -6.74
CA ILE K 34 29.06 1.18 -5.73
C ILE K 34 29.75 2.52 -5.93
N GLN K 35 29.90 2.97 -7.18
CA GLN K 35 30.56 4.25 -7.42
C GLN K 35 29.71 5.41 -6.91
N ARG K 36 28.39 5.31 -7.01
CA ARG K 36 27.52 6.38 -6.54
C ARG K 36 27.45 6.39 -5.01
N ASP K 37 27.41 5.21 -4.39
CA ASP K 37 27.43 5.08 -2.93
C ASP K 37 27.95 3.69 -2.55
N PRO K 38 29.13 3.59 -1.94
CA PRO K 38 29.70 2.26 -1.67
C PRO K 38 29.03 1.53 -0.52
N PHE K 39 28.32 2.24 0.37
CA PHE K 39 27.79 1.62 1.57
C PHE K 39 26.28 1.45 1.58
N THR K 40 25.55 2.11 0.68
CA THR K 40 24.11 1.96 0.56
C THR K 40 23.74 1.74 -0.89
N GLY K 41 22.84 0.80 -1.15
CA GLY K 41 22.35 0.59 -2.50
C GLY K 41 21.84 -0.82 -2.68
N ILE K 42 21.76 -1.21 -3.96
CA ILE K 42 21.25 -2.53 -4.33
C ILE K 42 22.26 -3.61 -3.94
N GLY K 43 21.75 -4.82 -3.75
CA GLY K 43 22.59 -5.95 -3.38
C GLY K 43 22.83 -6.13 -1.90
N LYS K 44 22.17 -5.34 -1.04
CA LYS K 44 22.31 -5.42 0.41
C LYS K 44 23.76 -5.23 0.83
N PRO K 45 24.26 -3.99 0.86
CA PRO K 45 25.63 -3.76 1.35
C PRO K 45 25.74 -4.15 2.82
N GLU K 46 26.67 -5.06 3.11
CA GLU K 46 26.83 -5.59 4.46
C GLU K 46 28.30 -5.53 4.85
N PRO K 47 28.65 -4.78 5.88
CA PRO K 47 30.05 -4.76 6.34
C PRO K 47 30.44 -6.06 7.02
N LEU K 48 31.72 -6.38 6.94
CA LEU K 48 32.28 -7.57 7.55
C LEU K 48 33.05 -7.21 8.82
N LYS K 49 33.22 -8.20 9.70
CA LYS K 49 33.77 -7.99 11.03
C LYS K 49 35.05 -8.80 11.20
N TYR K 50 35.76 -8.49 12.29
CA TYR K 50 36.93 -9.25 12.77
C TYR K 50 38.07 -9.13 11.76
N ASP K 51 38.67 -10.24 11.30
CA ASP K 51 39.81 -10.17 10.39
C ASP K 51 39.40 -9.59 9.04
N TYR K 52 38.12 -9.72 8.69
CA TYR K 52 37.57 -9.14 7.48
C TYR K 52 37.03 -7.73 7.71
N GLN K 53 37.43 -7.09 8.81
CA GLN K 53 37.02 -5.73 9.08
C GLN K 53 37.54 -4.80 7.99
N GLY K 54 36.65 -3.99 7.43
CA GLY K 54 37.01 -3.10 6.35
C GLY K 54 36.42 -3.54 5.02
N ALA K 55 36.38 -4.85 4.80
CA ALA K 55 35.75 -5.39 3.61
C ALA K 55 34.23 -5.33 3.72
N TRP K 56 33.59 -5.12 2.58
CA TRP K 56 32.14 -5.09 2.49
C TRP K 56 31.68 -6.23 1.57
N SER K 57 30.37 -6.36 1.43
CA SER K 57 29.82 -7.48 0.68
C SER K 57 28.44 -7.12 0.15
N ARG K 58 28.23 -7.38 -1.13
CA ARG K 58 26.92 -7.30 -1.77
C ARG K 58 26.65 -8.63 -2.45
N ARG K 59 25.41 -8.84 -2.84
CA ARG K 59 24.99 -10.13 -3.41
C ARG K 59 24.79 -9.99 -4.90
N ILE K 60 25.59 -10.74 -5.66
CA ILE K 60 25.37 -10.83 -7.10
C ILE K 60 24.15 -11.70 -7.38
N ASP K 61 24.10 -12.88 -6.76
CA ASP K 61 22.92 -13.72 -6.74
C ASP K 61 22.85 -14.50 -5.43
N ALA K 62 22.21 -15.67 -5.45
CA ALA K 62 22.03 -16.43 -4.21
C ALA K 62 23.34 -17.05 -3.74
N GLU K 63 24.23 -17.41 -4.66
CA GLU K 63 25.41 -18.20 -4.33
C GLU K 63 26.72 -17.43 -4.37
N ASN K 64 26.73 -16.22 -4.93
CA ASN K 64 27.97 -15.46 -5.13
C ASN K 64 27.86 -14.07 -4.53
N ARG K 65 28.95 -13.61 -3.93
CA ARG K 65 29.01 -12.30 -3.28
C ARG K 65 30.10 -11.45 -3.89
N LEU K 66 29.86 -10.14 -3.91
CA LEU K 66 30.80 -9.14 -4.40
C LEU K 66 31.50 -8.52 -3.20
N ILE K 67 32.74 -8.95 -2.94
CA ILE K 67 33.54 -8.45 -1.82
C ILE K 67 34.39 -7.28 -2.31
N TYR K 68 34.40 -6.21 -1.51
CA TYR K 68 35.11 -4.99 -1.90
C TYR K 68 35.37 -4.16 -0.65
N MET K 69 36.51 -3.49 -0.61
CA MET K 69 36.93 -2.70 0.55
C MET K 69 37.33 -1.30 0.11
N MET K 70 37.57 -0.45 1.10
CA MET K 70 37.87 0.96 0.90
C MET K 70 39.36 1.25 1.00
N ASP K 71 39.82 2.24 0.22
CA ASP K 71 41.19 2.73 0.28
C ASP K 71 41.15 4.19 -0.19
N GLY K 72 40.66 5.06 0.70
CA GLY K 72 40.47 6.46 0.33
C GLY K 72 39.22 6.60 -0.51
N ASP K 73 39.35 7.26 -1.66
CA ASP K 73 38.26 7.38 -2.62
C ASP K 73 38.32 6.31 -3.70
N SER K 74 38.59 5.06 -3.33
CA SER K 74 38.73 3.99 -4.30
C SER K 74 38.20 2.68 -3.73
N VAL K 75 37.52 1.91 -4.59
CA VAL K 75 37.14 0.54 -4.26
C VAL K 75 38.30 -0.39 -4.59
N ALA K 76 38.42 -1.43 -3.79
CA ALA K 76 39.35 -2.52 -4.05
C ALA K 76 38.51 -3.80 -4.09
N PHE K 77 38.07 -4.17 -5.30
CA PHE K 77 37.31 -5.40 -5.46
C PHE K 77 38.18 -6.60 -5.07
N LEU K 78 37.61 -7.49 -4.25
CA LEU K 78 38.35 -8.63 -3.72
C LEU K 78 37.87 -9.95 -4.28
N SER K 79 36.60 -10.06 -4.67
CA SER K 79 36.08 -11.30 -5.23
C SER K 79 34.75 -11.01 -5.91
N PHE K 80 34.46 -11.80 -6.95
CA PHE K 80 33.19 -11.77 -7.65
C PHE K 80 32.57 -13.14 -7.79
N LYS K 81 33.24 -14.19 -7.28
CA LYS K 81 32.79 -15.56 -7.43
C LYS K 81 33.15 -16.31 -6.16
N ASP K 82 32.16 -16.96 -5.55
CA ASP K 82 32.36 -17.53 -4.23
C ASP K 82 33.26 -18.75 -4.28
N HIS K 83 32.88 -19.77 -5.06
CA HIS K 83 33.59 -21.03 -5.06
C HIS K 83 33.88 -21.49 -6.49
N TYR K 84 34.96 -22.25 -6.63
CA TYR K 84 35.35 -22.81 -7.92
C TYR K 84 35.42 -24.33 -7.85
N HIS L 1 16.36 -21.61 9.94
CA HIS L 1 17.49 -21.52 10.86
C HIS L 1 17.41 -20.25 11.70
N MET L 2 16.24 -19.61 11.69
CA MET L 2 16.03 -18.42 12.50
C MET L 2 14.54 -18.24 12.75
N GLU L 3 14.17 -17.99 14.01
CA GLU L 3 12.80 -17.74 14.39
C GLU L 3 12.59 -16.26 14.69
N ALA L 4 11.37 -15.78 14.46
CA ALA L 4 11.03 -14.38 14.69
C ALA L 4 9.77 -14.30 15.53
N VAL L 5 9.75 -13.34 16.46
CA VAL L 5 8.60 -13.13 17.34
C VAL L 5 8.30 -11.64 17.42
N LEU L 6 7.04 -11.33 17.69
CA LEU L 6 6.65 -9.96 17.97
C LEU L 6 7.30 -9.49 19.26
N TYR L 7 7.37 -8.18 19.44
CA TYR L 7 7.94 -7.63 20.66
C TYR L 7 7.06 -7.93 21.87
N SER L 8 5.75 -7.67 21.73
CA SER L 8 4.83 -7.89 22.85
C SER L 8 4.85 -9.35 23.28
N THR L 9 4.70 -10.26 22.32
CA THR L 9 4.75 -11.69 22.64
C THR L 9 6.07 -12.06 23.28
N PHE L 10 7.17 -11.43 22.86
CA PHE L 10 8.48 -11.76 23.41
C PHE L 10 8.59 -11.38 24.88
N ARG L 11 8.03 -10.22 25.27
CA ARG L 11 8.13 -9.81 26.67
C ARG L 11 7.16 -10.59 27.55
N ASN L 12 5.93 -10.80 27.08
CA ASN L 12 4.94 -11.53 27.86
C ASN L 12 5.40 -12.94 28.21
N HIS L 13 6.38 -13.49 27.49
CA HIS L 13 6.90 -14.83 27.72
C HIS L 13 8.42 -14.82 27.67
N LEU L 14 9.02 -13.87 28.39
CA LEU L 14 10.47 -13.68 28.34
C LEU L 14 11.22 -14.94 28.75
N LYS L 15 10.97 -15.41 29.98
CA LYS L 15 11.69 -16.58 30.47
C LYS L 15 11.41 -17.80 29.61
N ASP L 16 10.21 -17.90 29.05
CA ASP L 16 9.90 -19.01 28.16
C ASP L 16 10.81 -19.00 26.93
N TYR L 17 11.00 -17.84 26.31
CA TYR L 17 11.84 -17.74 25.12
C TYR L 17 13.33 -17.86 25.44
N MET L 18 13.73 -17.63 26.69
CA MET L 18 15.13 -17.78 27.06
C MET L 18 15.51 -19.24 27.19
N LYS L 19 14.69 -20.03 27.88
CA LYS L 19 14.90 -21.48 27.85
C LYS L 19 14.62 -22.03 26.46
N LYS L 20 13.72 -21.39 25.72
CA LYS L 20 13.39 -21.82 24.37
C LYS L 20 14.61 -21.75 23.46
N VAL L 21 15.36 -20.64 23.52
CA VAL L 21 16.50 -20.48 22.64
C VAL L 21 17.68 -21.36 23.07
N ASN L 22 17.73 -21.77 24.34
CA ASN L 22 18.79 -22.65 24.80
C ASN L 22 18.47 -24.12 24.61
N ASP L 23 17.19 -24.46 24.51
CA ASP L 23 16.77 -25.83 24.24
C ASP L 23 16.68 -26.13 22.74
N GLU L 24 16.31 -25.16 21.91
CA GLU L 24 16.24 -25.42 20.47
C GLU L 24 17.54 -25.17 19.74
N PHE L 25 18.45 -24.39 20.32
CA PHE L 25 19.67 -23.97 19.63
C PHE L 25 19.32 -23.32 18.29
N GLU L 26 18.46 -22.32 18.34
CA GLU L 26 18.08 -21.55 17.16
C GLU L 26 17.99 -20.06 17.52
N PRO L 27 18.75 -19.22 16.83
CA PRO L 27 18.70 -17.78 17.13
C PRO L 27 17.29 -17.22 17.00
N LEU L 28 17.00 -16.22 17.81
CA LEU L 28 15.68 -15.61 17.88
C LEU L 28 15.78 -14.14 17.52
N THR L 29 14.82 -13.66 16.74
CA THR L 29 14.74 -12.26 16.36
C THR L 29 13.45 -11.66 16.88
N VAL L 30 13.57 -10.59 17.66
CA VAL L 30 12.40 -9.85 18.15
C VAL L 30 12.15 -8.68 17.21
N VAL L 31 10.94 -8.63 16.66
CA VAL L 31 10.57 -7.65 15.65
C VAL L 31 9.83 -6.51 16.34
N ASN L 32 10.22 -5.28 16.06
CA ASN L 32 9.63 -4.10 16.66
C ASN L 32 9.01 -3.22 15.58
N LYS L 33 8.07 -2.37 16.01
CA LYS L 33 7.53 -1.36 15.11
C LYS L 33 8.62 -0.40 14.65
N ASN L 34 9.55 -0.08 15.54
CA ASN L 34 10.76 0.64 15.17
C ASN L 34 11.84 -0.40 14.87
N PRO L 35 12.30 -0.52 13.62
CA PRO L 35 13.34 -1.52 13.32
C PRO L 35 14.67 -1.24 14.00
N ASP L 36 14.88 -0.03 14.54
CA ASP L 36 16.07 0.25 15.31
C ASP L 36 16.05 -0.36 16.70
N GLU L 37 14.89 -0.83 17.15
CA GLU L 37 14.77 -1.57 18.40
C GLU L 37 15.01 -3.05 18.24
N ASP L 38 15.17 -3.54 17.01
CA ASP L 38 15.19 -4.97 16.76
C ASP L 38 16.44 -5.61 17.35
N ILE L 39 16.29 -6.88 17.76
CA ILE L 39 17.31 -7.58 18.53
C ILE L 39 17.36 -9.03 18.09
N VAL L 40 18.48 -9.69 18.39
CA VAL L 40 18.65 -11.11 18.11
C VAL L 40 19.11 -11.79 19.39
N VAL L 41 18.43 -12.88 19.75
CA VAL L 41 18.72 -13.65 20.96
C VAL L 41 19.16 -15.04 20.57
N LEU L 42 20.30 -15.48 21.11
CA LEU L 42 20.79 -16.82 20.86
C LEU L 42 21.41 -17.38 22.14
N SER L 43 21.54 -18.69 22.18
CA SER L 43 22.11 -19.36 23.34
C SER L 43 23.59 -19.08 23.45
N LYS L 44 24.08 -18.96 24.69
CA LYS L 44 25.51 -18.74 24.90
C LYS L 44 26.34 -19.89 24.33
N SER L 45 25.78 -21.11 24.30
CA SER L 45 26.47 -22.25 23.71
C SER L 45 26.64 -22.06 22.21
N GLU L 46 25.56 -21.69 21.51
CA GLU L 46 25.67 -21.47 20.07
C GLU L 46 26.53 -20.25 19.75
N TRP L 47 26.51 -19.23 20.61
CA TRP L 47 27.40 -18.09 20.40
C TRP L 47 28.86 -18.50 20.56
N ASP L 48 29.16 -19.44 21.46
CA ASP L 48 30.53 -19.90 21.61
C ASP L 48 30.97 -20.70 20.39
N SER L 49 30.07 -21.48 19.80
CA SER L 49 30.41 -22.26 18.62
C SER L 49 30.68 -21.37 17.41
N ILE L 50 29.89 -20.30 17.25
CA ILE L 50 30.13 -19.35 16.17
C ILE L 50 31.53 -18.76 16.28
N GLN L 51 31.84 -18.16 17.44
CA GLN L 51 33.17 -17.60 17.64
C GLN L 51 34.25 -18.67 17.58
N GLU L 52 33.89 -19.94 17.82
CA GLU L 52 34.88 -21.02 17.69
C GLU L 52 35.18 -21.29 16.22
N THR L 53 34.15 -21.48 15.40
CA THR L 53 34.37 -21.68 13.97
C THR L 53 35.04 -20.46 13.33
N LEU L 54 34.89 -19.28 13.93
CA LEU L 54 35.54 -18.09 13.39
C LEU L 54 37.05 -18.14 13.59
N ARG L 55 37.50 -18.37 14.83
CA ARG L 55 38.93 -18.36 15.10
C ARG L 55 39.63 -19.53 14.42
N ILE L 56 38.97 -20.69 14.31
CA ILE L 56 39.56 -21.83 13.63
C ILE L 56 39.81 -21.51 12.17
N ALA L 57 38.97 -20.65 11.57
CA ALA L 57 39.24 -20.18 10.22
C ALA L 57 40.47 -19.30 10.18
N GLN L 58 40.64 -18.42 11.15
CA GLN L 58 41.82 -17.56 11.24
C GLN L 58 42.94 -18.27 12.00
#